data_5O7F
#
_entry.id   5O7F
#
_cell.length_a   55.900
_cell.length_b   105.620
_cell.length_c   134.460
_cell.angle_alpha   90.00
_cell.angle_beta   90.00
_cell.angle_gamma   90.00
#
_symmetry.space_group_name_H-M   'P 21 21 21'
#
loop_
_entity.id
_entity.type
_entity.pdbx_description
1 polymer phosphodiesterase
2 non-polymer "GUANOSINE-5'-MONOPHOSPHATE"
3 non-polymer 'MANGANESE (II) ION'
4 non-polymer 1,2-ETHANEDIOL
5 water water
#
_entity_poly.entity_id   1
_entity_poly.type   'polypeptide(L)'
_entity_poly.pdbx_seq_one_letter_code
;GSGSGMDEIVKVLSQHDRILVVGHIMPDGDCVSSVLSLTLGLEKLGKEVKAAVDYKIPYVFEKFPYIDKIEENPNFDPEL
LVVVNASSPDRIGKFQDLLDKVPSVVIDHHSTNTNFGNWNWVDPSFAATAQMIFRINKALGVEYDSNLATLNYLGIATNT
GFFRHSNADVRVFEDAYKLVKMGADAHFVAKEILENKRFEQFKLFAEVLERLQLLENGKIAYSYIDYDTYLRHNCTDEDS
AGFVGELRSIRGVEVAVLFMEFPRGKIHVSMRSKDWFNVNEVAFELGGGGHPRAAGVTFEGKKIEEVIPRVINHLLKKFK
EGVESESEKIPEGDVLGG
;
_entity_poly.pdbx_strand_id   A,B
#
# COMPACT_ATOMS: atom_id res chain seq x y z
N SER A 4 31.63 -6.51 -12.68
CA SER A 4 30.79 -7.66 -12.32
C SER A 4 30.08 -7.44 -10.97
N GLY A 5 30.82 -7.03 -9.95
CA GLY A 5 30.27 -6.77 -8.65
C GLY A 5 30.17 -5.28 -8.36
N MET A 6 29.61 -4.97 -7.20
CA MET A 6 29.45 -3.57 -6.81
C MET A 6 30.79 -2.85 -6.75
N ASP A 7 31.80 -3.51 -6.18
CA ASP A 7 33.07 -2.84 -5.93
C ASP A 7 33.68 -2.33 -7.22
N GLU A 8 33.58 -3.10 -8.30
CA GLU A 8 34.16 -2.66 -9.56
C GLU A 8 33.38 -1.49 -10.14
N ILE A 9 32.05 -1.51 -9.99
CA ILE A 9 31.24 -0.43 -10.54
C ILE A 9 31.51 0.86 -9.77
N VAL A 10 31.68 0.76 -8.45
CA VAL A 10 32.08 1.92 -7.65
C VAL A 10 33.39 2.50 -8.16
N LYS A 11 34.37 1.64 -8.45
CA LYS A 11 35.64 2.13 -8.96
C LYS A 11 35.45 2.86 -10.30
N VAL A 12 34.71 2.24 -11.22
CA VAL A 12 34.50 2.87 -12.52
C VAL A 12 33.80 4.21 -12.36
N LEU A 13 32.73 4.25 -11.56
CA LEU A 13 32.04 5.52 -11.32
C LEU A 13 33.01 6.57 -10.77
N SER A 14 33.86 6.16 -9.82
CA SER A 14 34.83 7.08 -9.25
C SER A 14 35.83 7.57 -10.30
N GLN A 15 36.20 6.72 -11.27
CA GLN A 15 37.22 7.11 -12.24
C GLN A 15 36.74 8.14 -13.27
N HIS A 16 35.44 8.32 -13.48
CA HIS A 16 34.95 9.16 -14.58
C HIS A 16 34.27 10.42 -14.06
N ASP A 17 34.35 11.50 -14.84
CA ASP A 17 33.81 12.81 -14.45
C ASP A 17 32.52 13.16 -15.17
N ARG A 18 32.46 13.01 -16.49
CA ARG A 18 31.31 13.49 -17.28
C ARG A 18 30.44 12.28 -17.57
N ILE A 19 29.32 12.18 -16.85
CA ILE A 19 28.53 10.95 -16.82
C ILE A 19 27.10 11.25 -17.25
N LEU A 20 26.60 10.45 -18.19
CA LEU A 20 25.20 10.46 -18.57
C LEU A 20 24.53 9.24 -17.95
N VAL A 21 23.55 9.46 -17.07
CA VAL A 21 22.77 8.39 -16.46
C VAL A 21 21.46 8.26 -17.23
N VAL A 22 21.15 7.05 -17.68
CA VAL A 22 20.00 6.80 -18.55
C VAL A 22 19.14 5.70 -17.96
N GLY A 23 17.82 5.89 -17.95
CA GLY A 23 16.88 4.89 -17.52
C GLY A 23 16.05 4.36 -18.70
N HIS A 24 15.02 3.58 -18.38
CA HIS A 24 14.30 2.88 -19.44
C HIS A 24 13.05 3.65 -19.90
N ILE A 25 12.64 3.35 -21.14
CA ILE A 25 11.42 3.92 -21.70
C ILE A 25 10.21 3.34 -20.98
N MET A 26 9.06 4.03 -21.11
CA MET A 26 7.91 3.86 -20.23
C MET A 26 8.41 3.81 -18.77
N PRO A 27 9.00 4.89 -18.27
CA PRO A 27 9.64 4.84 -16.95
C PRO A 27 8.63 4.65 -15.84
N ASP A 28 9.09 4.03 -14.77
CA ASP A 28 8.30 3.77 -13.57
C ASP A 28 9.03 4.36 -12.35
N GLY A 29 8.50 4.09 -11.16
CA GLY A 29 9.08 4.70 -9.97
C GLY A 29 10.54 4.29 -9.74
N ASP A 30 10.86 3.02 -9.99
CA ASP A 30 12.23 2.56 -9.76
C ASP A 30 13.17 3.16 -10.82
N CYS A 31 12.67 3.42 -12.03
CA CYS A 31 13.51 4.10 -13.02
C CYS A 31 13.82 5.53 -12.58
N VAL A 32 12.77 6.28 -12.22
CA VAL A 32 12.96 7.67 -11.77
C VAL A 32 13.85 7.70 -10.53
N SER A 33 13.54 6.83 -9.58
CA SER A 33 14.30 6.77 -8.32
C SER A 33 15.77 6.46 -8.58
N SER A 34 16.03 5.44 -9.39
CA SER A 34 17.42 5.03 -9.62
C SER A 34 18.20 6.08 -10.38
N VAL A 35 17.59 6.66 -11.42
CA VAL A 35 18.28 7.66 -12.22
C VAL A 35 18.62 8.88 -11.38
N LEU A 36 17.61 9.43 -10.67
CA LEU A 36 17.85 10.64 -9.89
C LEU A 36 18.77 10.39 -8.70
N SER A 37 18.57 9.28 -8.00
CA SER A 37 19.40 9.05 -6.80
C SER A 37 20.87 8.94 -7.19
N LEU A 38 21.16 8.23 -8.29
CA LEU A 38 22.55 8.12 -8.73
C LEU A 38 23.05 9.46 -9.27
N THR A 39 22.25 10.14 -10.09
CA THR A 39 22.67 11.43 -10.63
C THR A 39 23.04 12.39 -9.50
N LEU A 40 22.14 12.53 -8.52
CA LEU A 40 22.40 13.47 -7.43
C LEU A 40 23.61 13.04 -6.61
N GLY A 41 23.77 11.73 -6.37
CA GLY A 41 24.93 11.26 -5.64
C GLY A 41 26.23 11.61 -6.35
N LEU A 42 26.27 11.39 -7.66
CA LEU A 42 27.48 11.71 -8.42
C LEU A 42 27.76 13.22 -8.44
N GLU A 43 26.70 14.04 -8.54
CA GLU A 43 26.90 15.49 -8.50
C GLU A 43 27.45 15.93 -7.16
N LYS A 44 27.02 15.29 -6.08
CA LYS A 44 27.57 15.64 -4.76
C LYS A 44 29.07 15.37 -4.69
N LEU A 45 29.57 14.41 -5.46
CA LEU A 45 31.00 14.13 -5.53
C LEU A 45 31.76 15.12 -6.39
N GLY A 46 31.09 16.06 -7.03
CA GLY A 46 31.75 17.03 -7.89
C GLY A 46 31.82 16.67 -9.35
N LYS A 47 31.09 15.65 -9.79
CA LYS A 47 31.12 15.24 -11.18
C LYS A 47 30.10 16.02 -12.00
N GLU A 48 30.34 16.09 -13.31
CA GLU A 48 29.41 16.74 -14.22
C GLU A 48 28.51 15.67 -14.80
N VAL A 49 27.21 15.77 -14.55
CA VAL A 49 26.29 14.67 -14.77
C VAL A 49 25.04 15.19 -15.46
N LYS A 50 24.50 14.40 -16.39
CA LYS A 50 23.16 14.65 -16.87
C LYS A 50 22.38 13.35 -16.81
N ALA A 51 21.06 13.47 -16.83
CA ALA A 51 20.17 12.33 -16.69
C ALA A 51 19.19 12.32 -17.85
N ALA A 52 18.84 11.13 -18.33
CA ALA A 52 18.02 11.09 -19.53
C ALA A 52 17.15 9.84 -19.56
N VAL A 53 15.95 10.01 -20.10
CA VAL A 53 15.04 8.92 -20.41
C VAL A 53 14.35 9.29 -21.73
N ASP A 54 14.33 8.35 -22.69
CA ASP A 54 13.74 8.61 -24.00
C ASP A 54 12.22 8.43 -23.97
N TYR A 55 11.55 9.23 -23.15
CA TYR A 55 10.12 9.05 -22.91
C TYR A 55 9.61 10.18 -22.02
N LYS A 56 8.33 10.50 -22.16
CA LYS A 56 7.71 11.46 -21.25
C LYS A 56 7.68 10.91 -19.83
N ILE A 57 8.03 11.77 -18.88
CA ILE A 57 7.94 11.42 -17.45
C ILE A 57 6.49 11.54 -17.00
N PRO A 58 5.90 10.51 -16.40
CA PRO A 58 4.48 10.60 -15.99
C PRO A 58 4.19 11.78 -15.06
N TYR A 59 2.95 12.27 -15.14
CA TYR A 59 2.53 13.42 -14.32
C TYR A 59 2.69 13.16 -12.81
N VAL A 60 2.57 11.90 -12.35
CA VAL A 60 2.66 11.66 -10.90
C VAL A 60 4.00 12.07 -10.33
N PHE A 61 5.04 12.20 -11.15
CA PHE A 61 6.35 12.61 -10.62
C PHE A 61 6.56 14.12 -10.60
N GLU A 62 5.56 14.92 -11.01
CA GLU A 62 5.77 16.36 -11.26
C GLU A 62 6.30 17.12 -10.05
N LYS A 63 5.86 16.76 -8.83
CA LYS A 63 6.28 17.52 -7.66
C LYS A 63 7.57 17.00 -7.03
N PHE A 64 8.11 15.89 -7.53
CA PHE A 64 9.27 15.32 -6.85
C PHE A 64 10.47 16.26 -6.98
N PRO A 65 11.29 16.36 -5.95
CA PRO A 65 12.46 17.25 -6.05
C PRO A 65 13.38 16.79 -7.16
N TYR A 66 13.89 17.75 -7.93
CA TYR A 66 14.88 17.54 -9.00
C TYR A 66 14.35 16.70 -10.17
N ILE A 67 13.04 16.48 -10.28
CA ILE A 67 12.50 15.72 -11.41
C ILE A 67 12.88 16.36 -12.74
N ASP A 68 13.13 17.67 -12.77
CA ASP A 68 13.48 18.31 -14.04
C ASP A 68 14.91 17.99 -14.48
N LYS A 69 15.71 17.32 -13.66
CA LYS A 69 17.02 16.90 -14.15
C LYS A 69 16.94 15.73 -15.13
N ILE A 70 15.84 15.01 -15.19
CA ILE A 70 15.70 13.98 -16.22
C ILE A 70 15.29 14.64 -17.53
N GLU A 71 16.13 14.52 -18.55
CA GLU A 71 15.89 15.15 -19.83
C GLU A 71 15.47 14.11 -20.88
N GLU A 72 14.75 14.58 -21.90
CA GLU A 72 14.44 13.75 -23.06
C GLU A 72 15.46 13.90 -24.17
N ASN A 73 16.02 15.10 -24.33
CA ASN A 73 16.92 15.40 -25.44
C ASN A 73 18.14 16.09 -24.88
N PRO A 74 18.94 15.41 -24.07
CA PRO A 74 20.12 16.07 -23.52
C PRO A 74 21.14 16.36 -24.62
N ASN A 75 21.86 17.45 -24.41
CA ASN A 75 22.99 17.81 -25.26
C ASN A 75 24.22 17.64 -24.37
N PHE A 76 25.03 16.63 -24.66
CA PHE A 76 26.01 16.23 -23.66
C PHE A 76 27.10 15.41 -24.34
N ASP A 77 28.31 15.55 -23.82
CA ASP A 77 29.51 14.88 -24.35
C ASP A 77 30.06 13.99 -23.24
N PRO A 78 29.46 12.83 -23.00
CA PRO A 78 29.83 12.02 -21.84
C PRO A 78 31.10 11.20 -22.04
N GLU A 79 31.83 11.01 -20.94
CA GLU A 79 32.92 10.03 -20.90
C GLU A 79 32.42 8.65 -20.51
N LEU A 80 31.26 8.60 -19.86
CA LEU A 80 30.75 7.34 -19.33
C LEU A 80 29.23 7.38 -19.43
N LEU A 81 28.65 6.29 -19.90
CA LEU A 81 27.21 6.08 -19.89
C LEU A 81 26.88 5.10 -18.76
N VAL A 82 25.89 5.44 -17.94
CA VAL A 82 25.45 4.54 -16.87
C VAL A 82 23.98 4.23 -17.12
N VAL A 83 23.67 2.97 -17.42
CA VAL A 83 22.32 2.54 -17.76
C VAL A 83 21.74 1.82 -16.55
N VAL A 84 20.64 2.32 -15.98
CA VAL A 84 20.09 1.75 -14.75
C VAL A 84 18.69 1.19 -14.99
N ASN A 85 18.37 0.12 -14.27
CA ASN A 85 17.03 -0.45 -14.29
C ASN A 85 16.52 -0.87 -15.67
N ALA A 86 17.43 -1.23 -16.57
CA ALA A 86 16.99 -1.58 -17.91
C ALA A 86 17.64 -2.89 -18.35
N SER A 87 16.83 -3.86 -18.80
CA SER A 87 17.37 -5.21 -18.99
C SER A 87 18.01 -5.45 -20.35
N SER A 88 17.70 -4.64 -21.35
CA SER A 88 18.28 -4.85 -22.68
C SER A 88 18.53 -3.49 -23.30
N PRO A 89 19.40 -3.42 -24.33
CA PRO A 89 19.63 -2.12 -24.99
C PRO A 89 18.35 -1.50 -25.54
N ASP A 90 17.42 -2.32 -26.05
CA ASP A 90 16.18 -1.79 -26.61
C ASP A 90 15.42 -0.97 -25.57
N ARG A 91 15.62 -1.26 -24.30
CA ARG A 91 14.84 -0.63 -23.26
C ARG A 91 15.23 0.82 -23.02
N ILE A 92 16.34 1.32 -23.57
CA ILE A 92 16.69 2.72 -23.36
C ILE A 92 16.41 3.57 -24.60
N GLY A 93 15.72 3.02 -25.60
CA GLY A 93 15.31 3.82 -26.73
C GLY A 93 16.51 4.33 -27.51
N LYS A 94 16.44 5.60 -27.92
CA LYS A 94 17.46 6.18 -28.80
C LYS A 94 18.85 6.23 -28.18
N PHE A 95 18.98 6.13 -26.85
CA PHE A 95 20.31 6.18 -26.27
C PHE A 95 21.10 4.90 -26.48
N GLN A 96 20.49 3.84 -27.00
CA GLN A 96 21.28 2.67 -27.31
C GLN A 96 22.28 2.95 -28.42
N ASP A 97 22.11 4.03 -29.18
CA ASP A 97 23.10 4.41 -30.17
C ASP A 97 24.43 4.83 -29.55
N LEU A 98 24.45 5.14 -28.25
CA LEU A 98 25.69 5.52 -27.57
C LEU A 98 26.51 4.31 -27.14
N LEU A 99 25.90 3.12 -27.15
CA LEU A 99 26.55 1.91 -26.62
C LEU A 99 27.81 1.55 -27.41
N ASP A 100 27.86 1.86 -28.71
CA ASP A 100 29.08 1.57 -29.45
C ASP A 100 30.12 2.69 -29.39
N LYS A 101 29.78 3.85 -28.81
CA LYS A 101 30.62 5.04 -28.83
C LYS A 101 31.20 5.43 -27.48
N VAL A 102 30.51 5.11 -26.39
CA VAL A 102 30.87 5.59 -25.07
C VAL A 102 30.97 4.40 -24.14
N PRO A 103 32.03 4.29 -23.33
CA PRO A 103 32.09 3.22 -22.33
C PRO A 103 30.83 3.24 -21.45
N SER A 104 30.37 2.04 -21.06
CA SER A 104 29.08 1.92 -20.40
C SER A 104 29.14 1.01 -19.18
N VAL A 105 28.36 1.41 -18.16
CA VAL A 105 28.11 0.65 -16.94
C VAL A 105 26.62 0.31 -16.91
N VAL A 106 26.30 -0.93 -16.59
CA VAL A 106 24.92 -1.37 -16.36
C VAL A 106 24.77 -1.69 -14.87
N ILE A 107 23.69 -1.17 -14.25
CA ILE A 107 23.32 -1.46 -12.87
C ILE A 107 21.85 -1.85 -12.88
N ASP A 108 21.54 -3.08 -12.48
CA ASP A 108 20.18 -3.56 -12.72
C ASP A 108 19.85 -4.74 -11.83
N HIS A 109 18.55 -4.96 -11.59
CA HIS A 109 18.13 -6.10 -10.78
C HIS A 109 17.32 -7.14 -11.57
N HIS A 110 17.20 -6.99 -12.88
CA HIS A 110 16.47 -7.96 -13.68
C HIS A 110 17.34 -9.18 -14.00
N SER A 111 16.81 -10.39 -13.80
CA SER A 111 17.60 -11.59 -14.05
C SER A 111 17.87 -11.81 -15.54
N THR A 112 17.03 -11.27 -16.42
CA THR A 112 17.25 -11.43 -17.84
C THR A 112 18.20 -10.40 -18.44
N ASN A 113 18.86 -9.58 -17.61
CA ASN A 113 19.69 -8.51 -18.17
C ASN A 113 20.76 -9.11 -19.09
N THR A 114 20.89 -8.55 -20.30
CA THR A 114 21.81 -9.17 -21.25
C THR A 114 23.27 -8.78 -21.00
N ASN A 115 23.56 -8.00 -19.96
CA ASN A 115 24.93 -7.64 -19.61
C ASN A 115 25.60 -6.87 -20.76
N PHE A 116 24.88 -5.87 -21.26
CA PHE A 116 25.28 -5.17 -22.48
C PHE A 116 26.25 -4.02 -22.19
N GLY A 117 26.65 -3.80 -20.95
CA GLY A 117 27.63 -2.78 -20.65
C GLY A 117 29.05 -3.31 -20.74
N ASN A 118 30.01 -2.37 -20.72
CA ASN A 118 31.40 -2.74 -20.55
C ASN A 118 31.63 -3.30 -19.15
N TRP A 119 30.94 -2.74 -18.15
CA TRP A 119 30.90 -3.28 -16.81
C TRP A 119 29.44 -3.49 -16.44
N ASN A 120 29.15 -4.56 -15.71
CA ASN A 120 27.76 -4.93 -15.42
C ASN A 120 27.66 -5.38 -13.98
N TRP A 121 26.81 -4.71 -13.19
CA TRP A 121 26.44 -5.24 -11.89
C TRP A 121 24.96 -5.57 -11.92
N VAL A 122 24.64 -6.86 -11.99
CA VAL A 122 23.26 -7.32 -12.09
C VAL A 122 23.02 -8.28 -10.94
N ASP A 123 22.04 -7.97 -10.09
CA ASP A 123 21.78 -8.77 -8.89
C ASP A 123 20.29 -8.91 -8.69
N PRO A 124 19.70 -10.02 -9.12
CA PRO A 124 18.25 -10.20 -9.03
C PRO A 124 17.74 -10.53 -7.64
N SER A 125 18.61 -10.56 -6.63
CA SER A 125 18.11 -10.73 -5.27
C SER A 125 17.55 -9.42 -4.69
N PHE A 126 17.75 -8.29 -5.38
CA PHE A 126 17.14 -7.04 -4.97
C PHE A 126 15.74 -6.92 -5.55
N ALA A 127 14.85 -6.24 -4.81
CA ALA A 127 13.51 -5.93 -5.32
C ALA A 127 13.49 -4.69 -6.21
N ALA A 128 14.47 -3.80 -6.09
CA ALA A 128 14.47 -2.58 -6.87
C ALA A 128 15.91 -2.21 -7.17
N THR A 129 16.12 -1.66 -8.36
CA THR A 129 17.45 -1.13 -8.69
C THR A 129 17.82 -0.01 -7.72
N ALA A 130 16.82 0.69 -7.19
CA ALA A 130 17.08 1.74 -6.21
C ALA A 130 17.84 1.22 -4.99
N GLN A 131 17.66 -0.05 -4.63
CA GLN A 131 18.44 -0.62 -3.52
C GLN A 131 19.92 -0.70 -3.86
N MET A 132 20.24 -0.96 -5.12
CA MET A 132 21.63 -1.08 -5.57
C MET A 132 22.28 0.31 -5.64
N ILE A 133 21.52 1.33 -6.08
CA ILE A 133 22.00 2.71 -6.09
C ILE A 133 22.25 3.19 -4.66
N PHE A 134 21.36 2.84 -3.73
CA PHE A 134 21.57 3.17 -2.32
C PHE A 134 22.93 2.67 -1.85
N ARG A 135 23.27 1.42 -2.18
CA ARG A 135 24.52 0.84 -1.72
C ARG A 135 25.72 1.47 -2.43
N ILE A 136 25.57 1.74 -3.72
CA ILE A 136 26.63 2.44 -4.47
C ILE A 136 26.89 3.81 -3.84
N ASN A 137 25.84 4.60 -3.63
CA ASN A 137 25.99 5.92 -3.05
C ASN A 137 26.69 5.85 -1.69
N LYS A 138 26.27 4.93 -0.83
CA LYS A 138 26.94 4.81 0.46
C LYS A 138 28.40 4.41 0.29
N ALA A 139 28.68 3.50 -0.64
CA ALA A 139 30.06 3.11 -0.88
C ALA A 139 30.89 4.26 -1.40
N LEU A 140 30.27 5.21 -2.10
CA LEU A 140 30.98 6.38 -2.57
C LEU A 140 31.08 7.47 -1.51
N GLY A 141 30.47 7.28 -0.34
CA GLY A 141 30.49 8.32 0.67
C GLY A 141 29.51 9.46 0.46
N VAL A 142 28.45 9.25 -0.32
CA VAL A 142 27.48 10.33 -0.55
C VAL A 142 26.68 10.56 0.73
N GLU A 143 26.60 11.81 1.17
CA GLU A 143 25.78 12.18 2.32
C GLU A 143 24.35 12.43 1.88
N TYR A 144 23.39 11.73 2.51
CA TYR A 144 21.97 11.88 2.19
C TYR A 144 21.35 13.02 2.98
N ASP A 145 20.56 13.85 2.30
CA ASP A 145 19.59 14.70 2.97
C ASP A 145 18.19 14.14 2.73
N SER A 146 17.17 14.84 3.24
CA SER A 146 15.82 14.29 3.16
C SER A 146 15.35 14.14 1.71
N ASN A 147 15.68 15.10 0.83
CA ASN A 147 15.28 14.97 -0.57
C ASN A 147 15.91 13.73 -1.22
N LEU A 148 17.22 13.54 -1.05
CA LEU A 148 17.85 12.35 -1.63
C LEU A 148 17.26 11.07 -1.04
N ALA A 149 16.99 11.08 0.27
CA ALA A 149 16.40 9.89 0.88
C ALA A 149 15.01 9.63 0.33
N THR A 150 14.20 10.68 0.16
CA THR A 150 12.88 10.55 -0.46
C THR A 150 13.00 9.96 -1.89
N LEU A 151 13.94 10.49 -2.68
CA LEU A 151 14.12 10.01 -4.05
C LEU A 151 14.55 8.54 -4.10
N ASN A 152 15.38 8.12 -3.15
CA ASN A 152 15.83 6.73 -3.15
C ASN A 152 14.76 5.80 -2.59
N TYR A 153 13.96 6.29 -1.63
CA TYR A 153 12.85 5.52 -1.09
C TYR A 153 11.82 5.20 -2.16
N LEU A 154 11.63 6.12 -3.11
CA LEU A 154 10.60 5.99 -4.16
C LEU A 154 10.61 4.63 -4.85
N GLY A 155 11.79 4.19 -5.33
CA GLY A 155 11.84 2.99 -6.15
C GLY A 155 11.60 1.73 -5.35
N ILE A 156 12.08 1.71 -4.11
CA ILE A 156 11.83 0.58 -3.22
C ILE A 156 10.33 0.44 -2.94
N ALA A 157 9.68 1.56 -2.64
CA ALA A 157 8.23 1.52 -2.41
C ALA A 157 7.49 1.08 -3.67
N THR A 158 7.78 1.69 -4.83
CA THR A 158 6.92 1.40 -5.98
C THR A 158 7.12 -0.03 -6.46
N ASN A 159 8.37 -0.53 -6.46
CA ASN A 159 8.60 -1.87 -6.99
C ASN A 159 8.11 -2.97 -6.08
N THR A 160 7.83 -2.68 -4.81
CA THR A 160 7.24 -3.66 -3.93
C THR A 160 5.74 -3.44 -3.75
N GLY A 161 5.15 -2.54 -4.52
CA GLY A 161 3.72 -2.23 -4.31
C GLY A 161 3.48 -1.61 -2.95
N PHE A 162 4.41 -0.77 -2.50
CA PHE A 162 4.37 -0.21 -1.16
C PHE A 162 4.28 -1.33 -0.11
N PHE A 163 5.25 -2.25 -0.20
CA PHE A 163 5.52 -3.29 0.79
C PHE A 163 4.42 -4.33 0.83
N ARG A 164 3.79 -4.57 -0.31
CA ARG A 164 2.72 -5.54 -0.40
C ARG A 164 3.06 -6.78 -1.23
N HIS A 165 3.97 -6.67 -2.19
CA HIS A 165 4.22 -7.73 -3.16
C HIS A 165 5.15 -8.81 -2.59
N SER A 166 5.27 -9.91 -3.33
CA SER A 166 6.07 -11.05 -2.89
C SER A 166 7.54 -10.71 -2.73
N ASN A 167 8.00 -9.59 -3.28
CA ASN A 167 9.42 -9.25 -3.17
C ASN A 167 9.75 -8.38 -1.96
N ALA A 168 8.78 -8.11 -1.08
CA ALA A 168 9.01 -7.23 0.07
C ALA A 168 9.61 -8.05 1.21
N ASP A 169 10.92 -8.31 1.11
CA ASP A 169 11.62 -9.16 2.07
C ASP A 169 12.29 -8.32 3.15
N VAL A 170 13.06 -8.98 4.01
CA VAL A 170 13.65 -8.28 5.16
CA VAL A 170 13.63 -8.28 5.17
C VAL A 170 14.53 -7.14 4.70
N ARG A 171 15.32 -7.35 3.66
CA ARG A 171 16.21 -6.31 3.19
C ARG A 171 15.47 -5.10 2.65
N VAL A 172 14.34 -5.31 1.99
CA VAL A 172 13.49 -4.19 1.57
C VAL A 172 13.06 -3.36 2.77
N PHE A 173 12.54 -4.02 3.81
CA PHE A 173 12.07 -3.26 4.97
C PHE A 173 13.22 -2.59 5.70
N GLU A 174 14.40 -3.22 5.70
CA GLU A 174 15.56 -2.62 6.35
C GLU A 174 16.00 -1.37 5.61
N ASP A 175 16.11 -1.44 4.27
CA ASP A 175 16.40 -0.26 3.47
C ASP A 175 15.39 0.87 3.71
N ALA A 176 14.09 0.53 3.72
CA ALA A 176 13.06 1.57 3.90
C ALA A 176 13.22 2.25 5.25
N TYR A 177 13.40 1.46 6.30
CA TYR A 177 13.65 2.00 7.63
C TYR A 177 14.86 2.92 7.61
N LYS A 178 15.95 2.50 6.96
CA LYS A 178 17.14 3.33 6.96
C LYS A 178 16.87 4.66 6.28
N LEU A 179 16.18 4.62 5.13
CA LEU A 179 15.87 5.84 4.39
C LEU A 179 14.88 6.74 5.14
N VAL A 180 13.85 6.16 5.75
CA VAL A 180 12.95 7.01 6.53
C VAL A 180 13.69 7.61 7.72
N LYS A 181 14.65 6.89 8.28
CA LYS A 181 15.45 7.45 9.36
C LYS A 181 16.25 8.64 8.86
N MET A 182 16.65 8.63 7.59
CA MET A 182 17.41 9.71 6.99
C MET A 182 16.54 10.84 6.47
N GLY A 183 15.22 10.78 6.70
CA GLY A 183 14.33 11.87 6.33
C GLY A 183 13.44 11.61 5.13
N ALA A 184 13.44 10.40 4.56
CA ALA A 184 12.57 10.10 3.42
C ALA A 184 11.12 10.39 3.77
N ASP A 185 10.44 11.12 2.88
CA ASP A 185 9.04 11.51 3.09
C ASP A 185 8.14 10.45 2.49
N ALA A 186 7.86 9.41 3.28
CA ALA A 186 7.11 8.27 2.79
C ALA A 186 5.66 8.65 2.50
N HIS A 187 5.11 9.57 3.26
CA HIS A 187 3.74 10.04 3.00
C HIS A 187 3.65 10.81 1.69
N PHE A 188 4.63 11.69 1.43
CA PHE A 188 4.66 12.38 0.14
C PHE A 188 4.69 11.40 -1.02
N VAL A 189 5.56 10.39 -0.93
CA VAL A 189 5.70 9.44 -2.03
C VAL A 189 4.39 8.72 -2.28
N ALA A 190 3.75 8.24 -1.22
CA ALA A 190 2.50 7.51 -1.39
C ALA A 190 1.39 8.40 -1.91
N LYS A 191 1.31 9.64 -1.40
CA LYS A 191 0.30 10.57 -1.86
C LYS A 191 0.45 10.84 -3.36
N GLU A 192 1.68 11.12 -3.80
CA GLU A 192 1.86 11.50 -5.21
C GLU A 192 1.69 10.32 -6.15
N ILE A 193 2.06 9.11 -5.73
CA ILE A 193 1.95 7.96 -6.62
C ILE A 193 0.56 7.33 -6.56
N LEU A 194 -0.01 7.25 -5.35
CA LEU A 194 -1.23 6.48 -5.14
C LEU A 194 -2.49 7.31 -5.00
N GLU A 195 -2.39 8.60 -4.64
CA GLU A 195 -3.58 9.38 -4.32
C GLU A 195 -3.70 10.58 -5.24
N ASN A 196 -3.43 10.33 -6.52
CA ASN A 196 -3.25 11.34 -7.55
C ASN A 196 -4.10 11.00 -8.76
N LYS A 197 -5.25 10.37 -8.55
CA LYS A 197 -6.05 9.87 -9.67
C LYS A 197 -6.89 10.98 -10.28
N ARG A 198 -6.79 11.14 -11.61
CA ARG A 198 -7.78 11.94 -12.31
C ARG A 198 -9.10 11.19 -12.28
N PHE A 199 -10.19 11.93 -12.12
CA PHE A 199 -11.50 11.29 -12.07
C PHE A 199 -11.81 10.51 -13.35
N GLU A 200 -11.29 10.98 -14.50
CA GLU A 200 -11.47 10.27 -15.77
C GLU A 200 -11.01 8.82 -15.70
N GLN A 201 -10.10 8.48 -14.77
CA GLN A 201 -9.64 7.11 -14.61
C GLN A 201 -10.78 6.16 -14.30
N PHE A 202 -11.73 6.61 -13.47
CA PHE A 202 -12.78 5.69 -13.02
C PHE A 202 -13.65 5.26 -14.19
N LYS A 203 -14.03 6.20 -15.06
CA LYS A 203 -14.79 5.86 -16.25
C LYS A 203 -14.00 4.92 -17.16
N LEU A 204 -12.71 5.18 -17.32
CA LEU A 204 -11.89 4.30 -18.16
C LEU A 204 -11.83 2.90 -17.58
N PHE A 205 -11.63 2.80 -16.26
CA PHE A 205 -11.60 1.48 -15.65
C PHE A 205 -12.94 0.75 -15.78
N ALA A 206 -14.05 1.49 -15.74
CA ALA A 206 -15.35 0.87 -15.98
C ALA A 206 -15.41 0.22 -17.35
N GLU A 207 -14.89 0.91 -18.37
CA GLU A 207 -14.85 0.30 -19.70
C GLU A 207 -13.97 -0.96 -19.70
N VAL A 208 -12.88 -0.94 -18.93
CA VAL A 208 -12.04 -2.13 -18.82
C VAL A 208 -12.81 -3.30 -18.22
N LEU A 209 -13.60 -3.04 -17.18
CA LEU A 209 -14.44 -4.10 -16.60
C LEU A 209 -15.49 -4.57 -17.59
N GLU A 210 -16.03 -3.64 -18.40
CA GLU A 210 -17.02 -4.02 -19.41
C GLU A 210 -16.48 -5.07 -20.36
N ARG A 211 -15.21 -4.92 -20.75
CA ARG A 211 -14.56 -5.79 -21.73
C ARG A 211 -13.88 -6.99 -21.09
N LEU A 212 -13.99 -7.15 -19.77
CA LEU A 212 -13.27 -8.22 -19.09
C LEU A 212 -13.69 -9.58 -19.61
N GLN A 213 -12.71 -10.45 -19.86
CA GLN A 213 -12.92 -11.83 -20.25
C GLN A 213 -12.32 -12.75 -19.21
N LEU A 214 -13.01 -13.86 -18.90
CA LEU A 214 -12.55 -14.82 -17.91
C LEU A 214 -12.30 -16.17 -18.56
N LEU A 215 -11.20 -16.82 -18.16
CA LEU A 215 -10.86 -18.16 -18.60
C LEU A 215 -10.54 -19.03 -17.38
N GLU A 216 -10.65 -20.35 -17.58
CA GLU A 216 -10.20 -21.32 -16.57
C GLU A 216 -10.89 -21.09 -15.22
N ASN A 217 -12.21 -21.19 -15.22
CA ASN A 217 -13.00 -21.02 -14.00
C ASN A 217 -12.70 -19.68 -13.32
N GLY A 218 -12.40 -18.64 -14.10
CA GLY A 218 -12.16 -17.33 -13.54
C GLY A 218 -10.79 -17.10 -12.95
N LYS A 219 -9.83 -18.02 -13.13
CA LYS A 219 -8.49 -17.78 -12.61
C LYS A 219 -7.64 -16.93 -13.54
N ILE A 220 -8.01 -16.81 -14.81
CA ILE A 220 -7.36 -15.90 -15.74
C ILE A 220 -8.37 -14.82 -16.12
N ALA A 221 -7.93 -13.56 -16.05
CA ALA A 221 -8.76 -12.43 -16.44
C ALA A 221 -7.98 -11.52 -17.37
N TYR A 222 -8.62 -11.04 -18.45
CA TYR A 222 -7.91 -10.10 -19.31
C TYR A 222 -8.89 -9.13 -19.94
N SER A 223 -8.36 -7.97 -20.35
CA SER A 223 -9.15 -6.92 -20.97
C SER A 223 -8.21 -6.05 -21.79
N TYR A 224 -8.74 -4.98 -22.38
CA TYR A 224 -7.93 -4.19 -23.31
C TYR A 224 -8.49 -2.79 -23.43
N ILE A 225 -7.59 -1.84 -23.69
CA ILE A 225 -7.96 -0.46 -24.03
C ILE A 225 -7.35 -0.13 -25.38
N ASP A 226 -8.19 0.04 -26.39
CA ASP A 226 -7.68 0.47 -27.67
C ASP A 226 -7.40 1.97 -27.63
N TYR A 227 -6.67 2.45 -28.64
CA TYR A 227 -6.22 3.84 -28.66
C TYR A 227 -7.41 4.80 -28.70
N ASP A 228 -8.43 4.47 -29.50
CA ASP A 228 -9.59 5.34 -29.59
C ASP A 228 -10.29 5.48 -28.24
N THR A 229 -10.21 4.46 -27.39
CA THR A 229 -10.89 4.52 -26.09
C THR A 229 -10.15 5.45 -25.13
N TYR A 230 -8.82 5.41 -25.13
CA TYR A 230 -8.06 6.43 -24.40
C TYR A 230 -8.51 7.82 -24.83
N LEU A 231 -8.66 8.02 -26.14
CA LEU A 231 -9.04 9.33 -26.66
C LEU A 231 -10.41 9.77 -26.16
N ARG A 232 -11.40 8.88 -26.24
CA ARG A 232 -12.77 9.23 -25.84
C ARG A 232 -12.83 9.62 -24.36
N HIS A 233 -12.00 9.02 -23.52
CA HIS A 233 -12.02 9.29 -22.09
C HIS A 233 -11.02 10.36 -21.66
N ASN A 234 -10.38 11.03 -22.62
CA ASN A 234 -9.38 12.06 -22.33
C ASN A 234 -8.31 11.52 -21.39
N CYS A 235 -7.76 10.37 -21.75
CA CYS A 235 -6.79 9.65 -20.93
C CYS A 235 -5.60 9.23 -21.77
N THR A 236 -4.49 8.94 -21.09
CA THR A 236 -3.34 8.34 -21.76
C THR A 236 -2.90 7.10 -20.98
N ASP A 237 -1.80 6.48 -21.40
CA ASP A 237 -1.26 5.33 -20.66
C ASP A 237 -0.84 5.71 -19.25
N GLU A 238 -0.65 7.00 -18.97
CA GLU A 238 -0.40 7.41 -17.58
C GLU A 238 -1.60 7.13 -16.69
N ASP A 239 -2.80 7.12 -17.27
CA ASP A 239 -4.02 6.99 -16.48
C ASP A 239 -4.34 5.55 -16.12
N SER A 240 -3.80 4.60 -16.88
CA SER A 240 -4.15 3.19 -16.72
C SER A 240 -3.12 2.39 -15.93
N ALA A 241 -2.14 3.08 -15.33
CA ALA A 241 -0.98 2.40 -14.77
C ALA A 241 -1.31 1.44 -13.62
N GLY A 242 -2.41 1.67 -12.91
CA GLY A 242 -2.76 0.79 -11.82
C GLY A 242 -3.79 -0.27 -12.14
N PHE A 243 -4.27 -0.31 -13.39
CA PHE A 243 -5.45 -1.11 -13.72
C PHE A 243 -5.18 -2.61 -13.60
N VAL A 244 -4.02 -3.08 -14.09
CA VAL A 244 -3.83 -4.53 -14.09
C VAL A 244 -3.73 -5.05 -12.66
N GLY A 245 -3.16 -4.26 -11.74
CA GLY A 245 -3.18 -4.63 -10.34
C GLY A 245 -4.58 -4.67 -9.75
N GLU A 246 -5.46 -3.79 -10.21
CA GLU A 246 -6.84 -3.83 -9.73
C GLU A 246 -7.54 -5.09 -10.22
N LEU A 247 -7.26 -5.52 -11.46
CA LEU A 247 -7.83 -6.76 -11.96
C LEU A 247 -7.34 -7.97 -11.16
N ARG A 248 -6.05 -7.98 -10.81
CA ARG A 248 -5.54 -9.07 -9.98
C ARG A 248 -6.22 -9.12 -8.62
N SER A 249 -6.67 -7.95 -8.11
CA SER A 249 -7.21 -7.93 -6.76
C SER A 249 -8.59 -8.60 -6.67
N ILE A 250 -9.15 -9.05 -7.79
CA ILE A 250 -10.43 -9.74 -7.77
C ILE A 250 -10.25 -11.12 -7.14
N ARG A 251 -11.17 -11.48 -6.24
CA ARG A 251 -11.07 -12.75 -5.54
C ARG A 251 -11.02 -13.90 -6.53
N GLY A 252 -10.11 -14.85 -6.31
CA GLY A 252 -10.01 -16.03 -7.14
C GLY A 252 -9.20 -15.88 -8.42
N VAL A 253 -8.85 -14.66 -8.82
CA VAL A 253 -8.06 -14.47 -10.03
C VAL A 253 -6.60 -14.80 -9.71
N GLU A 254 -5.98 -15.63 -10.54
CA GLU A 254 -4.55 -15.90 -10.38
C GLU A 254 -3.69 -15.11 -11.35
N VAL A 255 -4.16 -14.88 -12.58
CA VAL A 255 -3.41 -14.11 -13.57
C VAL A 255 -4.32 -13.05 -14.16
N ALA A 256 -3.83 -11.82 -14.20
CA ALA A 256 -4.52 -10.73 -14.88
C ALA A 256 -3.62 -10.20 -16.00
N VAL A 257 -4.23 -9.89 -17.16
CA VAL A 257 -3.50 -9.39 -18.31
C VAL A 257 -4.26 -8.21 -18.90
N LEU A 258 -3.58 -7.09 -19.09
CA LEU A 258 -4.19 -5.90 -19.70
C LEU A 258 -3.42 -5.50 -20.95
N PHE A 259 -4.12 -5.37 -22.08
CA PHE A 259 -3.55 -4.93 -23.36
C PHE A 259 -3.90 -3.47 -23.56
N MET A 260 -2.89 -2.63 -23.80
CA MET A 260 -3.10 -1.19 -23.87
C MET A 260 -2.42 -0.62 -25.11
N GLU A 261 -3.22 -0.03 -26.00
CA GLU A 261 -2.73 0.55 -27.24
C GLU A 261 -2.56 2.04 -27.03
N PHE A 262 -1.32 2.48 -26.81
CA PHE A 262 -1.01 3.90 -26.70
C PHE A 262 0.49 4.11 -26.88
N PRO A 263 0.91 4.94 -27.84
CA PRO A 263 0.00 5.61 -28.77
C PRO A 263 -0.52 4.66 -29.86
N ARG A 264 -1.05 5.21 -30.94
CA ARG A 264 -1.58 4.37 -32.01
C ARG A 264 -0.52 3.37 -32.46
N GLY A 265 -0.93 2.10 -32.55
CA GLY A 265 -0.06 1.07 -33.07
C GLY A 265 0.92 0.46 -32.09
N LYS A 266 1.05 1.01 -30.88
CA LYS A 266 1.94 0.46 -29.88
C LYS A 266 1.11 -0.21 -28.79
N ILE A 267 1.26 -1.52 -28.66
CA ILE A 267 0.45 -2.30 -27.73
C ILE A 267 1.35 -2.77 -26.59
N HIS A 268 1.13 -2.23 -25.39
CA HIS A 268 1.81 -2.72 -24.20
C HIS A 268 0.96 -3.79 -23.52
N VAL A 269 1.59 -4.88 -23.11
CA VAL A 269 0.89 -5.98 -22.47
C VAL A 269 1.46 -6.11 -21.05
N SER A 270 0.62 -5.90 -20.05
CA SER A 270 1.02 -6.02 -18.65
C SER A 270 0.40 -7.25 -18.06
N MET A 271 1.20 -7.99 -17.28
CA MET A 271 0.79 -9.26 -16.69
C MET A 271 1.06 -9.21 -15.20
N ARG A 272 0.11 -9.70 -14.41
CA ARG A 272 0.30 -9.78 -12.96
C ARG A 272 -0.26 -11.10 -12.46
N SER A 273 0.44 -11.74 -11.53
CA SER A 273 -0.07 -12.99 -10.97
C SER A 273 -0.03 -12.93 -9.45
N LYS A 274 -0.79 -13.83 -8.82
CA LYS A 274 -1.07 -13.70 -7.40
C LYS A 274 -0.28 -14.69 -6.53
N ASP A 275 -0.50 -15.99 -6.72
CA ASP A 275 0.03 -16.99 -5.77
C ASP A 275 1.19 -17.79 -6.34
N TRP A 276 1.16 -18.19 -7.62
CA TRP A 276 2.16 -19.17 -8.07
C TRP A 276 2.61 -19.05 -9.52
N PHE A 277 1.79 -18.48 -10.39
CA PHE A 277 2.06 -18.53 -11.82
C PHE A 277 3.18 -17.56 -12.20
N ASN A 278 4.20 -18.05 -12.91
CA ASN A 278 5.38 -17.24 -13.22
C ASN A 278 5.16 -16.52 -14.55
N VAL A 279 4.68 -15.27 -14.48
CA VAL A 279 4.36 -14.51 -15.68
C VAL A 279 5.61 -14.04 -16.41
N ASN A 280 6.74 -13.93 -15.73
CA ASN A 280 7.97 -13.57 -16.44
C ASN A 280 8.35 -14.64 -17.46
N GLU A 281 7.99 -15.90 -17.20
CA GLU A 281 8.27 -16.94 -18.18
C GLU A 281 7.51 -16.71 -19.48
N VAL A 282 6.24 -16.27 -19.37
CA VAL A 282 5.45 -15.96 -20.57
C VAL A 282 6.04 -14.76 -21.29
N ALA A 283 6.24 -13.66 -20.55
CA ALA A 283 6.74 -12.42 -21.14
C ALA A 283 8.08 -12.62 -21.82
N PHE A 284 8.98 -13.36 -21.18
CA PHE A 284 10.32 -13.56 -21.71
C PHE A 284 10.27 -14.26 -23.06
N GLU A 285 9.48 -15.33 -23.14
CA GLU A 285 9.37 -16.10 -24.38
C GLU A 285 8.72 -15.27 -25.49
N LEU A 286 7.91 -14.28 -25.14
CA LEU A 286 7.31 -13.40 -26.13
C LEU A 286 8.21 -12.23 -26.51
N GLY A 287 9.37 -12.08 -25.88
CA GLY A 287 10.29 -11.02 -26.21
C GLY A 287 10.35 -9.88 -25.21
N GLY A 288 9.69 -10.00 -24.06
CA GLY A 288 9.71 -8.96 -23.04
C GLY A 288 10.48 -9.45 -21.83
N GLY A 289 10.03 -9.10 -20.63
CA GLY A 289 10.68 -9.57 -19.43
C GLY A 289 9.92 -9.16 -18.20
N GLY A 290 10.61 -9.23 -17.06
CA GLY A 290 9.99 -8.85 -15.80
C GLY A 290 10.30 -9.80 -14.66
N HIS A 291 9.27 -10.15 -13.89
CA HIS A 291 9.42 -10.80 -12.59
C HIS A 291 8.36 -11.87 -12.43
N PRO A 292 8.54 -12.80 -11.49
CA PRO A 292 7.57 -13.91 -11.35
C PRO A 292 6.11 -13.50 -11.22
N ARG A 293 5.80 -12.38 -10.56
CA ARG A 293 4.42 -11.95 -10.40
C ARG A 293 4.07 -10.70 -11.19
N ALA A 294 5.02 -10.15 -11.95
CA ALA A 294 4.76 -8.93 -12.72
C ALA A 294 5.71 -8.86 -13.91
N ALA A 295 5.14 -8.88 -15.12
CA ALA A 295 5.95 -8.92 -16.32
C ALA A 295 5.16 -8.28 -17.45
N GLY A 296 5.85 -8.02 -18.57
CA GLY A 296 5.25 -7.28 -19.66
C GLY A 296 6.05 -7.42 -20.94
N VAL A 297 5.41 -7.04 -22.05
CA VAL A 297 6.02 -7.08 -23.37
C VAL A 297 5.31 -6.05 -24.23
N THR A 298 6.02 -5.49 -25.21
CA THR A 298 5.48 -4.39 -26.01
C THR A 298 5.65 -4.69 -27.49
N PHE A 299 4.58 -4.49 -28.25
CA PHE A 299 4.53 -4.71 -29.70
C PHE A 299 4.34 -3.39 -30.41
N GLU A 300 4.90 -3.28 -31.61
CA GLU A 300 4.74 -2.10 -32.45
C GLU A 300 4.25 -2.51 -33.83
N GLY A 301 3.41 -1.68 -34.44
CA GLY A 301 2.90 -1.95 -35.76
C GLY A 301 1.97 -3.15 -35.84
N LYS A 302 1.55 -3.69 -34.71
CA LYS A 302 0.70 -4.88 -34.71
C LYS A 302 -0.71 -4.52 -34.27
N LYS A 303 -1.62 -5.44 -34.58
CA LYS A 303 -3.05 -5.22 -34.43
C LYS A 303 -3.55 -5.91 -33.16
N ILE A 304 -4.43 -5.23 -32.42
CA ILE A 304 -4.89 -5.78 -31.15
C ILE A 304 -5.60 -7.11 -31.35
N GLU A 305 -6.21 -7.31 -32.53
CA GLU A 305 -6.86 -8.58 -32.84
C GLU A 305 -5.87 -9.72 -33.01
N GLU A 306 -4.59 -9.42 -33.26
CA GLU A 306 -3.58 -10.47 -33.39
C GLU A 306 -2.75 -10.62 -32.13
N VAL A 307 -2.51 -9.54 -31.40
CA VAL A 307 -1.71 -9.66 -30.19
C VAL A 307 -2.45 -10.44 -29.12
N ILE A 308 -3.75 -10.15 -28.93
CA ILE A 308 -4.53 -10.79 -27.86
C ILE A 308 -4.51 -12.31 -28.01
N PRO A 309 -4.88 -12.90 -29.15
CA PRO A 309 -4.80 -14.37 -29.24
C PRO A 309 -3.39 -14.91 -29.09
N ARG A 310 -2.39 -14.25 -29.67
CA ARG A 310 -1.02 -14.74 -29.54
C ARG A 310 -0.60 -14.80 -28.07
N VAL A 311 -0.85 -13.74 -27.31
CA VAL A 311 -0.42 -13.68 -25.91
C VAL A 311 -1.25 -14.64 -25.06
N ILE A 312 -2.58 -14.58 -25.21
CA ILE A 312 -3.44 -15.36 -24.31
C ILE A 312 -3.30 -16.85 -24.59
N ASN A 313 -3.15 -17.25 -25.87
CA ASN A 313 -2.97 -18.66 -26.17
C ASN A 313 -1.65 -19.19 -25.60
N HIS A 314 -0.59 -18.39 -25.70
CA HIS A 314 0.67 -18.79 -25.10
C HIS A 314 0.56 -18.82 -23.57
N LEU A 315 -0.08 -17.82 -22.97
CA LEU A 315 -0.29 -17.84 -21.53
C LEU A 315 -1.15 -19.04 -21.12
N LEU A 316 -2.24 -19.29 -21.85
CA LEU A 316 -3.12 -20.41 -21.53
C LEU A 316 -2.37 -21.73 -21.52
N LYS A 317 -1.51 -21.94 -22.53
CA LYS A 317 -0.75 -23.18 -22.59
C LYS A 317 0.13 -23.33 -21.37
N LYS A 318 0.90 -22.28 -21.05
CA LYS A 318 1.82 -22.35 -19.94
C LYS A 318 1.09 -22.48 -18.61
N PHE A 319 -0.10 -21.88 -18.50
CA PHE A 319 -0.89 -21.99 -17.26
C PHE A 319 -1.37 -23.42 -17.06
N LYS A 320 -1.89 -24.04 -18.12
CA LYS A 320 -2.40 -25.41 -18.00
C LYS A 320 -1.28 -26.38 -17.69
N GLU A 321 -0.09 -26.16 -18.27
CA GLU A 321 1.06 -27.00 -17.94
C GLU A 321 1.44 -26.87 -16.48
N GLY A 322 1.21 -25.72 -15.87
CA GLY A 322 1.56 -25.51 -14.49
C GLY A 322 0.60 -26.17 -13.51
N VAL A 323 0.36 -27.45 -13.75
CA VAL A 323 -0.52 -28.23 -12.90
C VAL A 323 -0.01 -29.66 -12.88
N GLU A 324 0.53 -30.07 -11.74
CA GLU A 324 1.05 -31.42 -11.56
C GLU A 324 1.30 -31.71 -10.09
N SER B 4 -1.10 5.77 33.46
CA SER B 4 -0.06 4.75 33.64
C SER B 4 0.87 4.66 32.43
N GLY B 5 2.08 4.19 32.67
CA GLY B 5 3.00 3.86 31.62
C GLY B 5 3.02 2.36 31.34
N MET B 6 3.82 2.00 30.33
CA MET B 6 3.90 0.60 29.96
C MET B 6 4.38 -0.26 31.12
N ASP B 7 5.36 0.23 31.89
CA ASP B 7 5.99 -0.61 32.92
C ASP B 7 4.97 -1.03 33.98
N GLU B 8 4.08 -0.12 34.38
CA GLU B 8 3.06 -0.52 35.35
C GLU B 8 2.09 -1.53 34.74
N ILE B 9 1.68 -1.32 33.49
CA ILE B 9 0.78 -2.28 32.83
C ILE B 9 1.45 -3.65 32.75
N VAL B 10 2.75 -3.68 32.47
CA VAL B 10 3.44 -4.97 32.38
C VAL B 10 3.43 -5.66 33.74
N LYS B 11 3.59 -4.88 34.80
CA LYS B 11 3.51 -5.43 36.15
C LYS B 11 2.11 -6.00 36.42
N VAL B 12 1.07 -5.24 36.11
CA VAL B 12 -0.31 -5.71 36.34
C VAL B 12 -0.56 -7.01 35.58
N LEU B 13 -0.16 -7.06 34.29
CA LEU B 13 -0.35 -8.27 33.49
C LEU B 13 0.35 -9.47 34.13
N SER B 14 1.54 -9.26 34.66
CA SER B 14 2.27 -10.38 35.27
C SER B 14 1.58 -10.87 36.53
N GLN B 15 0.83 -10.01 37.21
CA GLN B 15 0.21 -10.34 38.48
C GLN B 15 -1.09 -11.15 38.36
N HIS B 16 -1.61 -11.37 37.15
CA HIS B 16 -2.88 -12.06 36.98
C HIS B 16 -2.70 -13.23 36.03
N ASP B 17 -3.36 -14.36 36.33
CA ASP B 17 -3.16 -15.57 35.54
C ASP B 17 -4.38 -15.95 34.70
N ARG B 18 -5.54 -15.35 34.94
CA ARG B 18 -6.76 -15.58 34.17
C ARG B 18 -7.16 -14.23 33.58
N ILE B 19 -7.03 -14.07 32.27
CA ILE B 19 -7.10 -12.76 31.65
C ILE B 19 -8.02 -12.82 30.43
N LEU B 20 -8.92 -11.83 30.32
CA LEU B 20 -9.78 -11.69 29.15
C LEU B 20 -9.35 -10.45 28.37
N VAL B 21 -8.94 -10.64 27.11
CA VAL B 21 -8.50 -9.55 26.24
C VAL B 21 -9.65 -9.23 25.29
N VAL B 22 -10.09 -7.96 25.26
N VAL B 22 -10.13 -7.98 25.31
CA VAL B 22 -11.27 -7.55 24.52
CA VAL B 22 -11.24 -7.60 24.44
C VAL B 22 -10.92 -6.40 23.57
C VAL B 22 -10.84 -6.45 23.53
N GLY B 23 -11.43 -6.46 22.34
CA GLY B 23 -11.26 -5.39 21.37
C GLY B 23 -12.60 -4.73 21.09
N HIS B 24 -12.65 -3.89 20.06
CA HIS B 24 -13.81 -3.04 19.84
C HIS B 24 -14.75 -3.61 18.78
N ILE B 25 -16.03 -3.25 18.91
CA ILE B 25 -17.02 -3.62 17.91
C ILE B 25 -16.67 -2.95 16.57
N MET B 26 -17.25 -3.49 15.49
CA MET B 26 -16.82 -3.21 14.13
C MET B 26 -15.29 -3.33 14.04
N PRO B 27 -14.74 -4.50 14.32
CA PRO B 27 -13.28 -4.62 14.44
C PRO B 27 -12.57 -4.41 13.11
N ASP B 28 -11.37 -3.86 13.21
CA ASP B 28 -10.49 -3.62 12.06
C ASP B 28 -9.21 -4.42 12.25
N GLY B 29 -8.21 -4.18 11.38
CA GLY B 29 -6.98 -4.95 11.46
C GLY B 29 -6.20 -4.73 12.74
N ASP B 30 -6.13 -3.47 13.20
CA ASP B 30 -5.41 -3.20 14.45
C ASP B 30 -6.09 -3.87 15.62
N CYS B 31 -7.42 -3.99 15.59
CA CYS B 31 -8.13 -4.68 16.68
C CYS B 31 -7.80 -6.16 16.69
N VAL B 32 -7.94 -6.82 15.54
CA VAL B 32 -7.60 -8.24 15.45
C VAL B 32 -6.14 -8.46 15.84
N SER B 33 -5.27 -7.63 15.28
CA SER B 33 -3.83 -7.73 15.54
C SER B 33 -3.52 -7.59 17.03
N SER B 34 -4.02 -6.53 17.65
CA SER B 34 -3.75 -6.26 19.06
C SER B 34 -4.32 -7.34 19.97
N VAL B 35 -5.58 -7.71 19.74
CA VAL B 35 -6.21 -8.73 20.59
C VAL B 35 -5.41 -10.04 20.52
N LEU B 36 -5.15 -10.52 19.29
CA LEU B 36 -4.52 -11.85 19.18
C LEU B 36 -3.06 -11.80 19.60
N SER B 37 -2.35 -10.71 19.29
CA SER B 37 -0.93 -10.70 19.63
C SER B 37 -0.75 -10.67 21.15
N LEU B 38 -1.60 -9.93 21.85
CA LEU B 38 -1.48 -9.91 23.32
C LEU B 38 -1.93 -11.23 23.92
N THR B 39 -3.02 -11.80 23.41
CA THR B 39 -3.50 -13.08 23.95
C THR B 39 -2.44 -14.15 23.82
N LEU B 40 -1.87 -14.29 22.61
CA LEU B 40 -0.88 -15.33 22.38
C LEU B 40 0.38 -15.07 23.17
N GLY B 41 0.75 -13.80 23.30
CA GLY B 41 1.91 -13.45 24.11
C GLY B 41 1.74 -13.86 25.57
N LEU B 42 0.60 -13.49 26.16
CA LEU B 42 0.33 -13.84 27.55
C LEU B 42 0.26 -15.34 27.77
N GLU B 43 -0.26 -16.09 26.79
CA GLU B 43 -0.30 -17.54 26.91
C GLU B 43 1.09 -18.15 27.03
N LYS B 44 2.10 -17.50 26.46
CA LYS B 44 3.45 -18.06 26.55
C LYS B 44 4.00 -18.01 27.97
N LEU B 45 3.42 -17.17 28.84
CA LEU B 45 3.78 -17.13 30.26
C LEU B 45 3.03 -18.17 31.05
N GLY B 46 2.25 -19.00 30.37
CA GLY B 46 1.52 -20.07 31.03
C GLY B 46 0.15 -19.65 31.49
N LYS B 47 -0.26 -18.42 31.20
CA LYS B 47 -1.52 -17.88 31.70
C LYS B 47 -2.70 -18.43 30.89
N GLU B 48 -3.87 -18.46 31.52
CA GLU B 48 -5.11 -18.84 30.85
C GLU B 48 -5.76 -17.59 30.29
N VAL B 49 -5.84 -17.46 28.97
CA VAL B 49 -6.22 -16.20 28.33
C VAL B 49 -7.29 -16.48 27.30
N LYS B 50 -8.35 -15.69 27.32
CA LYS B 50 -9.36 -15.74 26.27
C LYS B 50 -9.41 -14.39 25.57
N ALA B 51 -9.79 -14.41 24.29
CA ALA B 51 -9.88 -13.22 23.46
C ALA B 51 -11.32 -13.06 23.01
N ALA B 52 -11.82 -11.82 22.96
CA ALA B 52 -13.21 -11.64 22.58
C ALA B 52 -13.46 -10.28 21.95
N VAL B 53 -14.44 -10.26 21.05
CA VAL B 53 -15.00 -9.05 20.43
C VAL B 53 -16.50 -9.27 20.30
N ASP B 54 -17.29 -8.29 20.72
CA ASP B 54 -18.75 -8.38 20.65
C ASP B 54 -19.26 -8.02 19.24
N TYR B 55 -18.80 -8.78 18.25
CA TYR B 55 -19.08 -8.44 16.84
C TYR B 55 -18.55 -9.55 15.96
N LYS B 56 -19.14 -9.65 14.76
CA LYS B 56 -18.63 -10.59 13.77
C LYS B 56 -17.23 -10.16 13.32
N ILE B 57 -16.36 -11.14 13.13
CA ILE B 57 -15.03 -10.87 12.55
C ILE B 57 -15.17 -10.83 11.03
N PRO B 58 -14.65 -9.79 10.35
CA PRO B 58 -14.79 -9.73 8.89
C PRO B 58 -14.17 -10.93 8.20
N TYR B 59 -14.70 -11.20 7.01
CA TYR B 59 -14.26 -12.33 6.21
C TYR B 59 -12.78 -12.26 5.89
N VAL B 60 -12.24 -11.07 5.61
CA VAL B 60 -10.85 -10.99 5.19
C VAL B 60 -9.85 -11.50 6.23
N PHE B 61 -10.28 -11.72 7.47
CA PHE B 61 -9.36 -12.26 8.50
C PHE B 61 -9.44 -13.78 8.66
N GLU B 62 -10.27 -14.48 7.90
CA GLU B 62 -10.57 -15.87 8.22
C GLU B 62 -9.43 -16.84 7.96
N LYS B 63 -8.44 -16.48 7.16
CA LYS B 63 -7.28 -17.35 6.98
C LYS B 63 -6.14 -17.02 7.92
N PHE B 64 -6.28 -16.05 8.81
CA PHE B 64 -5.16 -15.68 9.66
C PHE B 64 -4.95 -16.73 10.75
N PRO B 65 -3.71 -16.98 11.15
CA PRO B 65 -3.46 -17.99 12.21
C PRO B 65 -4.15 -17.59 13.52
N TYR B 66 -4.81 -18.57 14.14
CA TYR B 66 -5.47 -18.45 15.43
C TYR B 66 -6.67 -17.50 15.42
N ILE B 67 -7.22 -17.16 14.25
CA ILE B 67 -8.35 -16.23 14.21
C ILE B 67 -9.53 -16.77 15.01
N ASP B 68 -9.69 -18.10 15.06
CA ASP B 68 -10.78 -18.69 15.82
C ASP B 68 -10.61 -18.51 17.33
N LYS B 69 -9.48 -18.02 17.80
CA LYS B 69 -9.38 -17.72 19.22
C LYS B 69 -10.23 -16.52 19.62
N ILE B 70 -10.60 -15.65 18.69
CA ILE B 70 -11.44 -14.52 19.09
C ILE B 70 -12.88 -15.01 19.19
N GLU B 71 -13.44 -14.97 20.40
CA GLU B 71 -14.80 -15.41 20.62
C GLU B 71 -15.77 -14.24 20.68
N GLU B 72 -17.04 -14.53 20.41
CA GLU B 72 -18.09 -13.55 20.65
C GLU B 72 -18.74 -13.71 22.03
N ASN B 73 -18.87 -14.95 22.51
CA ASN B 73 -19.57 -15.26 23.75
C ASN B 73 -18.69 -16.14 24.62
N PRO B 74 -17.58 -15.62 25.13
CA PRO B 74 -16.72 -16.45 25.99
C PRO B 74 -17.42 -16.80 27.30
N ASN B 75 -17.16 -18.00 27.77
CA ASN B 75 -17.63 -18.47 29.05
C ASN B 75 -16.42 -18.55 29.96
N PHE B 76 -16.20 -17.50 30.76
CA PHE B 76 -14.91 -17.30 31.40
C PHE B 76 -15.10 -16.41 32.62
N ASP B 77 -14.35 -16.69 33.71
CA ASP B 77 -14.32 -15.82 34.88
C ASP B 77 -12.91 -15.25 35.01
N PRO B 78 -12.60 -14.17 34.29
CA PRO B 78 -11.25 -13.61 34.34
C PRO B 78 -10.97 -12.94 35.68
N GLU B 79 -9.67 -12.88 36.02
CA GLU B 79 -9.19 -12.02 37.11
C GLU B 79 -8.86 -10.63 36.63
N LEU B 80 -8.68 -10.46 35.32
CA LEU B 80 -8.22 -9.19 34.76
C LEU B 80 -8.84 -9.05 33.40
N LEU B 81 -9.37 -7.86 33.11
CA LEU B 81 -9.90 -7.53 31.80
C LEU B 81 -8.91 -6.59 31.13
N VAL B 82 -8.48 -6.91 29.93
CA VAL B 82 -7.58 -6.03 29.20
C VAL B 82 -8.30 -5.56 27.95
N VAL B 83 -8.53 -4.26 27.85
CA VAL B 83 -9.23 -3.64 26.71
C VAL B 83 -8.20 -2.98 25.81
N VAL B 84 -8.13 -3.40 24.54
CA VAL B 84 -7.13 -2.86 23.62
C VAL B 84 -7.82 -2.16 22.44
N ASN B 85 -7.17 -1.11 21.94
CA ASN B 85 -7.62 -0.41 20.74
C ASN B 85 -9.04 0.16 20.79
N ALA B 86 -9.51 0.52 21.97
CA ALA B 86 -10.88 1.01 22.12
C ALA B 86 -10.89 2.27 22.96
N SER B 87 -11.54 3.33 22.46
CA SER B 87 -11.39 4.65 23.07
C SER B 87 -12.41 4.94 24.17
N SER B 88 -13.48 4.16 24.31
CA SER B 88 -14.48 4.40 25.32
C SER B 88 -15.20 3.10 25.64
N PRO B 89 -15.89 3.02 26.78
CA PRO B 89 -16.60 1.77 27.10
C PRO B 89 -17.62 1.34 26.06
N ASP B 90 -18.34 2.28 25.45
N ASP B 90 -18.34 2.30 25.46
CA ASP B 90 -19.34 1.89 24.45
CA ASP B 90 -19.33 1.95 24.45
C ASP B 90 -18.72 1.14 23.29
C ASP B 90 -18.71 1.15 23.30
N ARG B 91 -17.44 1.40 23.00
CA ARG B 91 -16.80 0.76 21.86
C ARG B 91 -16.56 -0.74 22.06
N ILE B 92 -16.74 -1.28 23.27
CA ILE B 92 -16.53 -2.71 23.44
C ILE B 92 -17.84 -3.47 23.62
N GLY B 93 -18.97 -2.83 23.35
CA GLY B 93 -20.25 -3.54 23.40
C GLY B 93 -20.55 -4.08 24.78
N LYS B 94 -21.08 -5.31 24.83
CA LYS B 94 -21.53 -5.88 26.10
C LYS B 94 -20.42 -6.04 27.12
N PHE B 95 -19.15 -6.06 26.69
CA PHE B 95 -18.10 -6.27 27.69
C PHE B 95 -17.87 -5.06 28.57
N GLN B 96 -18.48 -3.92 28.26
CA GLN B 96 -18.41 -2.81 29.20
C GLN B 96 -19.08 -3.16 30.53
N ASP B 97 -19.99 -4.14 30.54
CA ASP B 97 -20.62 -4.57 31.78
C ASP B 97 -19.61 -5.13 32.78
N LEU B 98 -18.42 -5.53 32.31
CA LEU B 98 -17.38 -6.05 33.18
C LEU B 98 -16.64 -4.96 33.94
N LEU B 99 -16.70 -3.71 33.46
CA LEU B 99 -15.96 -2.64 34.12
C LEU B 99 -16.51 -2.40 35.52
N ASP B 100 -15.60 -2.12 36.46
CA ASP B 100 -15.94 -1.97 37.88
C ASP B 100 -16.41 -3.27 38.53
N LYS B 101 -16.30 -4.39 37.84
CA LYS B 101 -16.52 -5.71 38.43
C LYS B 101 -15.29 -6.58 38.33
N VAL B 102 -14.57 -6.48 37.22
CA VAL B 102 -13.27 -7.11 37.04
C VAL B 102 -12.25 -6.00 36.89
N PRO B 103 -11.15 -6.00 37.64
CA PRO B 103 -10.15 -4.94 37.45
C PRO B 103 -9.68 -4.92 36.00
N SER B 104 -9.43 -3.73 35.48
CA SER B 104 -9.29 -3.58 34.04
C SER B 104 -8.07 -2.75 33.67
N VAL B 105 -7.46 -3.13 32.56
CA VAL B 105 -6.34 -2.41 31.93
C VAL B 105 -6.82 -1.91 30.58
N VAL B 106 -6.50 -0.66 30.25
CA VAL B 106 -6.71 -0.11 28.91
C VAL B 106 -5.35 0.12 28.26
N ILE B 107 -5.18 -0.36 27.03
CA ILE B 107 -4.01 -0.13 26.18
C ILE B 107 -4.51 0.41 24.86
N ASP B 108 -4.12 1.65 24.51
CA ASP B 108 -4.77 2.29 23.36
C ASP B 108 -3.92 3.43 22.83
N HIS B 109 -4.16 3.80 21.57
CA HIS B 109 -3.45 4.93 20.96
C HIS B 109 -4.40 6.05 20.53
N HIS B 110 -5.65 6.06 20.98
CA HIS B 110 -6.59 7.13 20.64
C HIS B 110 -6.46 8.28 21.62
N SER B 111 -6.27 9.50 21.09
CA SER B 111 -6.08 10.65 21.97
C SER B 111 -7.33 10.97 22.78
N THR B 112 -8.52 10.63 22.30
CA THR B 112 -9.72 10.92 23.06
C THR B 112 -10.16 9.76 23.95
N ASN B 113 -9.26 8.81 24.22
CA ASN B 113 -9.57 7.74 25.16
C ASN B 113 -10.03 8.33 26.49
N THR B 114 -11.11 7.79 27.03
CA THR B 114 -11.67 8.36 28.26
C THR B 114 -11.00 7.83 29.52
N ASN B 115 -9.95 7.01 29.39
CA ASN B 115 -9.23 6.44 30.53
C ASN B 115 -10.18 5.69 31.46
N PHE B 116 -10.92 4.74 30.90
CA PHE B 116 -12.00 4.09 31.62
C PHE B 116 -11.55 2.84 32.37
N GLY B 117 -10.27 2.45 32.26
CA GLY B 117 -9.78 1.32 33.03
C GLY B 117 -9.29 1.70 34.42
N ASN B 118 -9.03 0.68 35.25
CA ASN B 118 -8.34 0.95 36.50
C ASN B 118 -6.91 1.39 36.24
N TRP B 119 -6.28 0.82 35.21
CA TRP B 119 -4.96 1.22 34.73
C TRP B 119 -5.10 1.58 33.26
N ASN B 120 -4.47 2.67 32.83
CA ASN B 120 -4.62 3.16 31.46
C ASN B 120 -3.26 3.55 30.88
N TRP B 121 -2.86 2.91 29.79
CA TRP B 121 -1.69 3.33 29.03
C TRP B 121 -2.20 3.77 27.65
N VAL B 122 -2.26 5.08 27.44
CA VAL B 122 -2.76 5.67 26.20
C VAL B 122 -1.66 6.55 25.64
N ASP B 123 -1.21 6.23 24.43
CA ASP B 123 -0.09 6.94 23.81
C ASP B 123 -0.43 7.21 22.36
N PRO B 124 -0.98 8.39 22.06
CA PRO B 124 -1.36 8.69 20.67
C PRO B 124 -0.18 8.98 19.75
N SER B 125 1.05 8.86 20.21
CA SER B 125 2.15 9.00 19.26
C SER B 125 2.36 7.74 18.44
N PHE B 126 1.72 6.62 18.79
CA PHE B 126 1.81 5.41 17.98
C PHE B 126 0.79 5.46 16.86
N ALA B 127 1.14 4.86 15.73
CA ALA B 127 0.20 4.71 14.62
C ALA B 127 -0.81 3.58 14.87
N ALA B 128 -0.47 2.60 15.68
CA ALA B 128 -1.36 1.46 15.90
C ALA B 128 -1.20 0.97 17.32
N THR B 129 -2.30 0.48 17.89
CA THR B 129 -2.19 -0.18 19.18
C THR B 129 -1.27 -1.39 19.09
N ALA B 130 -1.21 -2.01 17.90
CA ALA B 130 -0.31 -3.16 17.73
C ALA B 130 1.13 -2.83 18.06
N GLN B 131 1.57 -1.59 17.83
CA GLN B 131 2.93 -1.21 18.21
C GLN B 131 3.11 -1.26 19.73
N MET B 132 2.07 -0.90 20.47
CA MET B 132 2.15 -0.95 21.93
C MET B 132 2.15 -2.39 22.43
N ILE B 133 1.35 -3.25 21.78
CA ILE B 133 1.34 -4.67 22.15
C ILE B 133 2.71 -5.29 21.87
N PHE B 134 3.33 -4.92 20.75
CA PHE B 134 4.67 -5.41 20.43
C PHE B 134 5.63 -5.11 21.58
N ARG B 135 5.62 -3.87 22.09
CA ARG B 135 6.54 -3.50 23.15
C ARG B 135 6.19 -4.20 24.46
N ILE B 136 4.90 -4.45 24.72
CA ILE B 136 4.51 -5.19 25.92
C ILE B 136 5.04 -6.62 25.86
N ASN B 137 4.84 -7.29 24.71
CA ASN B 137 5.29 -8.67 24.59
C ASN B 137 6.81 -8.77 24.72
N LYS B 138 7.52 -7.78 24.18
CA LYS B 138 8.97 -7.73 24.40
C LYS B 138 9.29 -7.58 25.87
N ALA B 139 8.60 -6.64 26.55
CA ALA B 139 8.86 -6.47 27.98
C ALA B 139 8.50 -7.72 28.76
N LEU B 140 7.50 -8.47 28.31
CA LEU B 140 7.17 -9.71 29.01
C LEU B 140 8.18 -10.81 28.73
N GLY B 141 9.05 -10.64 27.74
CA GLY B 141 10.08 -11.62 27.50
C GLY B 141 9.70 -12.78 26.60
N VAL B 142 8.61 -12.68 25.85
CA VAL B 142 8.13 -13.83 25.10
C VAL B 142 8.81 -13.88 23.73
N GLU B 143 8.75 -15.05 23.11
CA GLU B 143 9.45 -15.28 21.85
C GLU B 143 8.45 -15.26 20.70
N TYR B 144 8.78 -14.53 19.64
CA TYR B 144 7.95 -14.45 18.46
C TYR B 144 8.32 -15.56 17.50
N ASP B 145 7.33 -16.33 17.05
CA ASP B 145 7.53 -17.15 15.86
C ASP B 145 6.88 -16.43 14.67
N SER B 146 6.93 -17.04 13.49
CA SER B 146 6.44 -16.29 12.32
C SER B 146 4.92 -16.03 12.41
N ASN B 147 4.16 -16.95 13.01
CA ASN B 147 2.72 -16.71 13.17
C ASN B 147 2.46 -15.47 14.02
N LEU B 148 3.15 -15.35 15.16
CA LEU B 148 2.89 -14.19 16.01
C LEU B 148 3.43 -12.92 15.40
N ALA B 149 4.55 -13.01 14.69
CA ALA B 149 5.07 -11.85 13.98
C ALA B 149 4.08 -11.37 12.92
N THR B 150 3.50 -12.30 12.18
CA THR B 150 2.51 -11.94 11.18
C THR B 150 1.30 -11.26 11.80
N LEU B 151 0.81 -11.81 12.92
CA LEU B 151 -0.36 -11.23 13.58
C LEU B 151 -0.07 -9.85 14.14
N ASN B 152 1.13 -9.60 14.63
CA ASN B 152 1.47 -8.27 15.14
C ASN B 152 1.73 -7.28 14.01
N TYR B 153 2.30 -7.77 12.91
CA TYR B 153 2.51 -6.93 11.72
C TYR B 153 1.18 -6.41 11.18
N LEU B 154 0.15 -7.25 11.17
CA LEU B 154 -1.16 -6.90 10.61
C LEU B 154 -1.64 -5.51 11.01
N GLY B 155 -1.62 -5.19 12.31
CA GLY B 155 -2.23 -3.94 12.75
C GLY B 155 -1.41 -2.72 12.37
N ILE B 156 -0.09 -2.89 12.30
CA ILE B 156 0.76 -1.79 11.84
C ILE B 156 0.51 -1.54 10.36
N ALA B 157 0.40 -2.60 9.58
CA ALA B 157 0.11 -2.46 8.17
C ALA B 157 -1.24 -1.79 7.95
N THR B 158 -2.32 -2.33 8.53
CA THR B 158 -3.65 -1.78 8.21
C THR B 158 -3.82 -0.37 8.73
N ASN B 159 -3.31 -0.07 9.93
CA ASN B 159 -3.58 1.26 10.47
C ASN B 159 -2.74 2.34 9.83
N THR B 160 -1.71 2.01 9.05
CA THR B 160 -1.02 3.01 8.24
C THR B 160 -1.47 3.01 6.80
N GLY B 161 -2.55 2.30 6.47
CA GLY B 161 -2.95 2.17 5.07
C GLY B 161 -1.89 1.50 4.22
N PHE B 162 -1.23 0.48 4.79
CA PHE B 162 -0.05 -0.16 4.21
C PHE B 162 1.00 0.88 3.81
N PHE B 163 1.46 1.60 4.83
CA PHE B 163 2.58 2.54 4.79
C PHE B 163 2.32 3.74 3.92
N ARG B 164 1.04 4.09 3.70
CA ARG B 164 0.70 5.29 2.94
C ARG B 164 0.36 6.49 3.81
N HIS B 165 -0.20 6.29 5.00
CA HIS B 165 -0.75 7.42 5.73
C HIS B 165 0.37 8.23 6.39
N SER B 166 0.05 9.46 6.75
CA SER B 166 1.08 10.30 7.33
C SER B 166 1.53 9.85 8.72
N ASN B 167 0.85 8.87 9.34
CA ASN B 167 1.31 8.33 10.62
C ASN B 167 2.42 7.30 10.47
N ALA B 168 2.83 6.98 9.23
CA ALA B 168 3.90 5.99 9.00
C ALA B 168 5.25 6.69 9.21
N ASP B 169 5.59 6.91 10.48
CA ASP B 169 6.83 7.59 10.87
C ASP B 169 7.95 6.55 10.99
N VAL B 170 9.12 6.98 11.49
CA VAL B 170 10.27 6.08 11.51
C VAL B 170 10.02 4.88 12.41
N ARG B 171 9.29 5.06 13.51
CA ARG B 171 9.06 3.95 14.42
C ARG B 171 8.20 2.88 13.79
N VAL B 172 7.26 3.27 12.92
CA VAL B 172 6.47 2.30 12.17
C VAL B 172 7.38 1.43 11.31
N PHE B 173 8.30 2.06 10.56
CA PHE B 173 9.16 1.27 9.68
C PHE B 173 10.13 0.40 10.48
N GLU B 174 10.62 0.91 11.62
CA GLU B 174 11.45 0.08 12.49
C GLU B 174 10.70 -1.16 12.95
N ASP B 175 9.46 -0.98 13.43
CA ASP B 175 8.69 -2.12 13.91
C ASP B 175 8.41 -3.11 12.80
N ALA B 176 8.02 -2.60 11.62
CA ALA B 176 7.73 -3.49 10.49
C ALA B 176 8.96 -4.29 10.09
N TYR B 177 10.12 -3.63 10.04
CA TYR B 177 11.38 -4.32 9.76
C TYR B 177 11.64 -5.40 10.80
N LYS B 178 11.50 -5.07 12.07
CA LYS B 178 11.83 -6.06 13.11
C LYS B 178 10.88 -7.24 13.03
N LEU B 179 9.59 -6.99 12.73
CA LEU B 179 8.62 -8.09 12.66
C LEU B 179 8.88 -8.95 11.42
N VAL B 180 9.13 -8.33 10.27
CA VAL B 180 9.44 -9.11 9.07
C VAL B 180 10.72 -9.93 9.29
N LYS B 181 11.71 -9.36 9.99
CA LYS B 181 12.90 -10.13 10.28
C LYS B 181 12.58 -11.36 11.12
N MET B 182 11.54 -11.30 11.94
CA MET B 182 11.12 -12.44 12.73
C MET B 182 10.15 -13.34 11.98
N GLY B 183 9.95 -13.10 10.70
CA GLY B 183 9.13 -13.97 9.89
C GLY B 183 7.72 -13.48 9.58
N ALA B 184 7.38 -12.23 9.90
CA ALA B 184 6.07 -11.72 9.49
C ALA B 184 5.88 -11.87 7.99
N ASP B 185 4.74 -12.43 7.59
CA ASP B 185 4.46 -12.67 6.17
C ASP B 185 3.73 -11.46 5.60
N ALA B 186 4.51 -10.44 5.21
CA ALA B 186 3.90 -9.19 4.74
C ALA B 186 3.06 -9.39 3.49
N HIS B 187 3.47 -10.32 2.61
CA HIS B 187 2.76 -10.53 1.36
C HIS B 187 1.44 -11.23 1.61
N PHE B 188 1.43 -12.18 2.54
CA PHE B 188 0.18 -12.84 2.94
C PHE B 188 -0.82 -11.84 3.47
N VAL B 189 -0.36 -10.94 4.34
CA VAL B 189 -1.27 -9.98 4.96
C VAL B 189 -1.89 -9.08 3.90
N ALA B 190 -1.06 -8.56 3.00
CA ALA B 190 -1.57 -7.68 1.95
C ALA B 190 -2.57 -8.39 1.04
N LYS B 191 -2.28 -9.65 0.67
CA LYS B 191 -3.16 -10.37 -0.26
C LYS B 191 -4.51 -10.67 0.37
N GLU B 192 -4.50 -11.10 1.64
CA GLU B 192 -5.78 -11.39 2.29
C GLU B 192 -6.62 -10.14 2.45
N ILE B 193 -5.99 -9.00 2.79
CA ILE B 193 -6.79 -7.80 3.08
C ILE B 193 -7.19 -7.09 1.79
N LEU B 194 -6.32 -7.07 0.79
CA LEU B 194 -6.47 -6.19 -0.37
C LEU B 194 -6.74 -6.92 -1.68
N GLU B 195 -6.55 -8.22 -1.76
CA GLU B 195 -6.73 -8.92 -3.02
C GLU B 195 -7.88 -9.91 -2.93
N ASN B 196 -8.95 -9.51 -2.24
CA ASN B 196 -10.05 -10.38 -1.86
C ASN B 196 -11.38 -9.81 -2.34
N LYS B 197 -11.38 -9.08 -3.46
CA LYS B 197 -12.54 -8.27 -3.86
C LYS B 197 -13.54 -9.11 -4.64
N ARG B 198 -14.82 -9.03 -4.23
CA ARG B 198 -15.90 -9.62 -4.98
C ARG B 198 -16.24 -8.73 -6.17
N PHE B 199 -16.67 -9.35 -7.28
CA PHE B 199 -17.15 -8.55 -8.41
C PHE B 199 -18.23 -7.58 -7.98
N GLU B 200 -19.11 -8.02 -7.09
CA GLU B 200 -20.19 -7.16 -6.59
C GLU B 200 -19.64 -5.87 -5.99
N GLN B 201 -18.45 -5.92 -5.38
CA GLN B 201 -17.86 -4.71 -4.83
C GLN B 201 -17.64 -3.64 -5.90
N PHE B 202 -17.26 -4.05 -7.11
CA PHE B 202 -17.03 -3.06 -8.15
C PHE B 202 -18.33 -2.41 -8.60
N LYS B 203 -19.42 -3.18 -8.68
CA LYS B 203 -20.71 -2.59 -9.01
C LYS B 203 -21.19 -1.66 -7.91
N LEU B 204 -20.96 -2.03 -6.65
CA LEU B 204 -21.31 -1.18 -5.53
C LEU B 204 -20.58 0.16 -5.62
N PHE B 205 -19.27 0.11 -5.83
CA PHE B 205 -18.48 1.34 -5.93
C PHE B 205 -18.97 2.22 -7.07
N ALA B 206 -19.44 1.61 -8.17
CA ALA B 206 -20.00 2.40 -9.26
C ALA B 206 -21.17 3.25 -8.79
N GLU B 207 -22.01 2.70 -7.92
CA GLU B 207 -23.10 3.48 -7.33
C GLU B 207 -22.56 4.59 -6.45
N VAL B 208 -21.49 4.31 -5.70
CA VAL B 208 -20.87 5.35 -4.89
C VAL B 208 -20.43 6.51 -5.79
N LEU B 209 -19.81 6.18 -6.92
CA LEU B 209 -19.33 7.22 -7.83
C LEU B 209 -20.48 8.00 -8.47
N GLU B 210 -21.63 7.35 -8.72
CA GLU B 210 -22.76 8.07 -9.29
C GLU B 210 -23.31 9.13 -8.34
N ARG B 211 -23.26 8.88 -7.03
CA ARG B 211 -23.76 9.81 -6.05
C ARG B 211 -22.69 10.75 -5.50
N LEU B 212 -21.45 10.63 -5.99
CA LEU B 212 -20.35 11.44 -5.46
C LEU B 212 -20.57 12.92 -5.72
N GLN B 213 -20.24 13.74 -4.72
CA GLN B 213 -20.21 15.19 -4.89
C GLN B 213 -18.84 15.70 -4.48
N LEU B 214 -18.32 16.65 -5.22
CA LEU B 214 -17.09 17.34 -4.84
C LEU B 214 -17.45 18.75 -4.42
N LEU B 215 -16.89 19.19 -3.31
CA LEU B 215 -17.16 20.51 -2.77
C LEU B 215 -15.83 21.25 -2.63
N GLU B 216 -15.93 22.58 -2.56
CA GLU B 216 -14.78 23.45 -2.33
C GLU B 216 -13.70 23.25 -3.40
N ASN B 217 -14.11 23.37 -4.66
CA ASN B 217 -13.23 23.22 -5.80
C ASN B 217 -12.51 21.88 -5.75
N GLY B 218 -13.24 20.83 -5.40
CA GLY B 218 -12.70 19.50 -5.46
C GLY B 218 -11.89 19.08 -4.24
N LYS B 219 -11.86 19.89 -3.19
CA LYS B 219 -11.10 19.49 -2.01
C LYS B 219 -11.87 18.63 -1.03
N ILE B 220 -13.19 18.54 -1.16
CA ILE B 220 -14.02 17.68 -0.32
C ILE B 220 -14.79 16.75 -1.24
N ALA B 221 -14.74 15.45 -0.95
CA ALA B 221 -15.49 14.46 -1.71
C ALA B 221 -16.39 13.72 -0.74
N TYR B 222 -17.67 13.57 -1.08
CA TYR B 222 -18.51 12.73 -0.23
C TYR B 222 -19.52 11.97 -1.07
N SER B 223 -19.99 10.86 -0.51
CA SER B 223 -21.02 10.06 -1.17
C SER B 223 -21.73 9.25 -0.08
N TYR B 224 -22.63 8.36 -0.50
CA TYR B 224 -23.37 7.58 0.50
C TYR B 224 -23.86 6.28 -0.12
N ILE B 225 -24.11 5.30 0.74
CA ILE B 225 -24.73 4.03 0.37
C ILE B 225 -25.89 3.83 1.33
N ASP B 226 -27.12 3.82 0.80
CA ASP B 226 -28.25 3.51 1.65
C ASP B 226 -28.43 2.00 1.76
N TYR B 227 -29.30 1.59 2.69
CA TYR B 227 -29.40 0.17 3.00
C TYR B 227 -29.90 -0.63 1.80
N ASP B 228 -30.91 -0.11 1.09
CA ASP B 228 -31.46 -0.83 -0.05
C ASP B 228 -30.42 -1.03 -1.15
N THR B 229 -29.44 -0.12 -1.25
CA THR B 229 -28.41 -0.24 -2.27
C THR B 229 -27.44 -1.38 -1.94
N TYR B 230 -27.07 -1.53 -0.67
CA TYR B 230 -26.32 -2.71 -0.26
C TYR B 230 -27.06 -3.98 -0.68
N LEU B 231 -28.36 -4.04 -0.40
CA LEU B 231 -29.15 -5.24 -0.68
C LEU B 231 -29.22 -5.51 -2.17
N ARG B 232 -29.50 -4.46 -2.94
CA ARG B 232 -29.59 -4.60 -4.39
C ARG B 232 -28.32 -5.22 -4.97
N HIS B 233 -27.17 -4.93 -4.37
CA HIS B 233 -25.91 -5.43 -4.90
C HIS B 233 -25.39 -6.66 -4.19
N ASN B 234 -26.20 -7.28 -3.32
CA ASN B 234 -25.76 -8.44 -2.55
C ASN B 234 -24.43 -8.15 -1.85
N CYS B 235 -24.36 -6.99 -1.19
CA CYS B 235 -23.17 -6.58 -0.46
C CYS B 235 -23.51 -6.27 0.98
N THR B 236 -22.49 -6.24 1.82
CA THR B 236 -22.60 -5.72 3.19
C THR B 236 -21.57 -4.62 3.38
N ASP B 237 -21.51 -4.08 4.59
CA ASP B 237 -20.48 -3.07 4.80
C ASP B 237 -19.08 -3.66 4.82
N GLU B 238 -18.94 -4.99 4.86
CA GLU B 238 -17.61 -5.55 4.64
C GLU B 238 -17.14 -5.25 3.21
N ASP B 239 -18.07 -5.17 2.26
CA ASP B 239 -17.69 -4.90 0.88
C ASP B 239 -17.26 -3.46 0.65
N SER B 240 -17.71 -2.51 1.48
CA SER B 240 -17.44 -1.10 1.27
C SER B 240 -16.24 -0.60 2.09
N ALA B 241 -15.51 -1.50 2.74
CA ALA B 241 -14.53 -1.08 3.76
C ALA B 241 -13.41 -0.20 3.19
N GLY B 242 -12.97 -0.42 1.96
CA GLY B 242 -11.93 0.45 1.45
C GLY B 242 -12.42 1.63 0.63
N PHE B 243 -13.74 1.88 0.61
CA PHE B 243 -14.28 2.85 -0.33
C PHE B 243 -13.86 4.28 0.01
N VAL B 244 -13.87 4.64 1.29
CA VAL B 244 -13.55 6.03 1.61
C VAL B 244 -12.12 6.35 1.25
N GLY B 245 -11.20 5.39 1.40
CA GLY B 245 -9.84 5.60 0.94
C GLY B 245 -9.75 5.75 -0.56
N GLU B 246 -10.59 5.05 -1.32
CA GLU B 246 -10.58 5.23 -2.76
C GLU B 246 -10.99 6.65 -3.14
N LEU B 247 -11.96 7.23 -2.40
CA LEU B 247 -12.36 8.60 -2.69
C LEU B 247 -11.28 9.59 -2.32
N ARG B 248 -10.53 9.33 -1.24
CA ARG B 248 -9.44 10.23 -0.92
C ARG B 248 -8.36 10.19 -2.00
N SER B 249 -8.24 9.07 -2.71
N SER B 249 -8.25 9.09 -2.73
CA SER B 249 -7.19 8.96 -3.72
CA SER B 249 -7.20 8.96 -3.73
C SER B 249 -7.45 9.78 -4.97
C SER B 249 -7.45 9.80 -4.97
N ILE B 250 -8.61 10.45 -5.08
CA ILE B 250 -8.85 11.36 -6.19
C ILE B 250 -7.92 12.55 -6.09
N ARG B 251 -7.26 12.90 -7.19
CA ARG B 251 -6.35 14.04 -7.23
C ARG B 251 -7.02 15.32 -6.74
N GLY B 252 -6.34 16.02 -5.81
CA GLY B 252 -6.86 17.28 -5.28
C GLY B 252 -7.78 17.18 -4.08
N VAL B 253 -8.28 15.99 -3.75
CA VAL B 253 -9.19 15.84 -2.62
C VAL B 253 -8.40 15.90 -1.32
N GLU B 254 -8.82 16.76 -0.40
CA GLU B 254 -8.20 16.81 0.92
C GLU B 254 -8.95 15.98 1.95
N VAL B 255 -10.28 15.92 1.88
N VAL B 255 -10.29 15.94 1.86
CA VAL B 255 -11.05 15.11 2.83
CA VAL B 255 -11.13 15.20 2.78
C VAL B 255 -12.15 14.39 2.06
C VAL B 255 -12.12 14.38 1.98
N ALA B 256 -12.31 13.11 2.37
CA ALA B 256 -13.33 12.25 1.80
C ALA B 256 -14.23 11.77 2.92
N VAL B 257 -15.54 11.72 2.67
CA VAL B 257 -16.53 11.31 3.65
C VAL B 257 -17.49 10.35 2.99
N LEU B 258 -17.78 9.23 3.66
CA LEU B 258 -18.70 8.23 3.13
C LEU B 258 -19.74 7.91 4.19
N PHE B 259 -21.01 8.03 3.83
CA PHE B 259 -22.11 7.72 4.73
C PHE B 259 -22.65 6.36 4.33
N MET B 260 -22.81 5.45 5.30
CA MET B 260 -23.18 4.08 4.97
C MET B 260 -24.22 3.59 5.96
N GLU B 261 -25.37 3.19 5.44
CA GLU B 261 -26.47 2.67 6.27
C GLU B 261 -26.49 1.16 6.14
N PHE B 262 -26.05 0.48 7.18
CA PHE B 262 -26.10 -0.98 7.24
C PHE B 262 -25.96 -1.42 8.69
N PRO B 263 -26.91 -2.22 9.22
CA PRO B 263 -28.16 -2.56 8.56
C PRO B 263 -29.15 -1.39 8.62
N ARG B 264 -30.42 -1.65 8.37
CA ARG B 264 -31.37 -0.54 8.34
C ARG B 264 -31.38 0.17 9.69
N GLY B 265 -31.24 1.50 9.65
CA GLY B 265 -31.29 2.30 10.86
C GLY B 265 -29.96 2.58 11.53
N LYS B 266 -28.86 2.04 11.02
CA LYS B 266 -27.53 2.32 11.54
C LYS B 266 -26.73 3.02 10.45
N ILE B 267 -26.30 4.25 10.71
N ILE B 267 -26.28 4.24 10.73
CA ILE B 267 -25.55 5.04 9.74
CA ILE B 267 -25.55 5.07 9.79
C ILE B 267 -24.14 5.26 10.27
C ILE B 267 -24.13 5.23 10.31
N HIS B 268 -23.16 4.71 9.57
CA HIS B 268 -21.76 4.90 9.89
C HIS B 268 -21.22 5.97 8.95
N VAL B 269 -20.51 6.94 9.54
CA VAL B 269 -19.89 8.03 8.77
C VAL B 269 -18.39 7.85 8.86
N SER B 270 -17.74 7.63 7.72
CA SER B 270 -16.30 7.42 7.69
C SER B 270 -15.62 8.61 7.03
N MET B 271 -14.52 9.10 7.64
CA MET B 271 -13.83 10.28 7.15
C MET B 271 -12.33 10.05 7.02
N ARG B 272 -11.74 10.58 5.95
CA ARG B 272 -10.31 10.46 5.69
C ARG B 272 -9.78 11.76 5.13
N SER B 273 -8.61 12.17 5.59
CA SER B 273 -8.00 13.37 5.05
C SER B 273 -6.55 13.12 4.69
N LYS B 274 -6.02 14.00 3.84
CA LYS B 274 -4.74 13.79 3.16
C LYS B 274 -3.60 14.54 3.85
N ASP B 275 -3.64 15.86 3.86
CA ASP B 275 -2.49 16.64 4.28
C ASP B 275 -2.64 17.41 5.58
N TRP B 276 -3.83 17.92 5.93
CA TRP B 276 -3.85 18.83 7.07
C TRP B 276 -5.14 18.82 7.89
N PHE B 277 -6.28 18.47 7.28
CA PHE B 277 -7.55 18.61 7.96
C PHE B 277 -7.72 17.56 9.07
N ASN B 278 -8.01 18.02 10.28
CA ASN B 278 -8.14 17.12 11.43
C ASN B 278 -9.56 16.58 11.46
N VAL B 279 -9.77 15.43 10.84
CA VAL B 279 -11.13 14.89 10.82
C VAL B 279 -11.56 14.41 12.21
N ASN B 280 -10.61 14.09 13.09
CA ASN B 280 -11.01 13.66 14.43
C ASN B 280 -11.76 14.76 15.17
N GLU B 281 -11.42 16.03 14.89
CA GLU B 281 -12.15 17.11 15.55
C GLU B 281 -13.62 17.13 15.11
N VAL B 282 -13.87 16.89 13.81
CA VAL B 282 -15.25 16.79 13.33
C VAL B 282 -15.94 15.60 13.99
N ALA B 283 -15.32 14.42 13.91
CA ALA B 283 -15.98 13.22 14.42
C ALA B 283 -16.21 13.32 15.91
N PHE B 284 -15.23 13.83 16.66
CA PHE B 284 -15.38 13.90 18.11
C PHE B 284 -16.55 14.80 18.47
N GLU B 285 -16.66 15.95 17.80
CA GLU B 285 -17.76 16.87 18.09
C GLU B 285 -19.11 16.29 17.75
N LEU B 286 -19.19 15.33 16.83
CA LEU B 286 -20.45 14.70 16.46
C LEU B 286 -20.76 13.47 17.31
N GLY B 287 -19.88 13.09 18.22
CA GLY B 287 -20.10 11.96 19.09
C GLY B 287 -19.26 10.73 18.76
N GLY B 288 -18.31 10.84 17.85
CA GLY B 288 -17.43 9.74 17.49
C GLY B 288 -16.00 9.94 17.93
N GLY B 289 -15.03 9.57 17.09
CA GLY B 289 -13.65 9.73 17.46
C GLY B 289 -12.74 9.26 16.36
N GLY B 290 -11.47 9.05 16.69
CA GLY B 290 -10.52 8.64 15.65
C GLY B 290 -9.17 9.32 15.75
N HIS B 291 -8.66 9.77 14.61
CA HIS B 291 -7.29 10.21 14.43
C HIS B 291 -7.27 11.42 13.53
N PRO B 292 -6.18 12.18 13.53
CA PRO B 292 -6.12 13.39 12.69
C PRO B 292 -6.46 13.15 11.22
N ARG B 293 -6.16 11.98 10.67
CA ARG B 293 -6.42 11.74 9.24
C ARG B 293 -7.43 10.63 8.98
N ALA B 294 -8.03 10.06 10.02
CA ALA B 294 -9.01 9.00 9.83
C ALA B 294 -9.91 8.98 11.05
N ALA B 295 -11.22 9.10 10.86
CA ALA B 295 -12.14 9.22 11.98
C ALA B 295 -13.55 8.86 11.53
N GLY B 296 -14.43 8.67 12.51
CA GLY B 296 -15.76 8.22 12.17
C GLY B 296 -16.73 8.40 13.32
N VAL B 297 -18.00 8.23 12.99
CA VAL B 297 -19.07 8.31 13.96
C VAL B 297 -20.20 7.42 13.47
N THR B 298 -20.97 6.87 14.40
CA THR B 298 -22.05 5.96 14.05
C THR B 298 -23.33 6.45 14.70
N PHE B 299 -24.40 6.52 13.91
CA PHE B 299 -25.70 6.96 14.39
C PHE B 299 -26.70 5.80 14.34
N GLU B 300 -27.58 5.75 15.33
CA GLU B 300 -28.66 4.77 15.34
C GLU B 300 -30.00 5.48 15.43
N GLY B 301 -30.96 5.01 14.64
CA GLY B 301 -32.30 5.53 14.70
C GLY B 301 -32.50 6.85 14.01
N LYS B 302 -31.56 7.28 13.18
CA LYS B 302 -31.66 8.55 12.48
C LYS B 302 -31.84 8.30 10.98
N LYS B 303 -32.31 9.34 10.30
CA LYS B 303 -32.60 9.29 8.88
C LYS B 303 -31.37 9.76 8.11
N ILE B 304 -30.96 8.98 7.12
CA ILE B 304 -29.76 9.34 6.36
C ILE B 304 -29.93 10.68 5.64
N GLU B 305 -31.14 10.99 5.18
CA GLU B 305 -31.32 12.28 4.49
C GLU B 305 -31.28 13.46 5.44
N GLU B 306 -31.37 13.22 6.75
CA GLU B 306 -31.16 14.29 7.72
C GLU B 306 -29.71 14.34 8.17
N VAL B 307 -29.06 13.17 8.32
CA VAL B 307 -27.70 13.12 8.81
C VAL B 307 -26.73 13.75 7.79
N ILE B 308 -26.94 13.48 6.51
CA ILE B 308 -25.97 13.92 5.52
C ILE B 308 -25.84 15.45 5.51
N PRO B 309 -26.91 16.22 5.34
CA PRO B 309 -26.70 17.69 5.29
C PRO B 309 -26.14 18.26 6.59
N ARG B 310 -26.47 17.68 7.74
CA ARG B 310 -25.93 18.22 9.00
C ARG B 310 -24.44 17.89 9.15
N VAL B 311 -24.04 16.66 8.83
CA VAL B 311 -22.62 16.32 8.91
C VAL B 311 -21.82 17.14 7.92
N ILE B 312 -22.32 17.29 6.71
CA ILE B 312 -21.62 18.10 5.70
C ILE B 312 -21.52 19.56 6.17
N ASN B 313 -22.59 20.08 6.77
CA ASN B 313 -22.56 21.47 7.22
C ASN B 313 -21.49 21.66 8.29
N HIS B 314 -21.42 20.74 9.24
CA HIS B 314 -20.43 20.85 10.30
C HIS B 314 -19.02 20.71 9.73
N LEU B 315 -18.85 19.75 8.83
CA LEU B 315 -17.55 19.53 8.19
C LEU B 315 -17.07 20.79 7.49
N LEU B 316 -17.96 21.40 6.69
CA LEU B 316 -17.60 22.61 5.95
C LEU B 316 -17.25 23.75 6.90
N LYS B 317 -17.96 23.84 8.03
CA LYS B 317 -17.65 24.86 9.03
C LYS B 317 -16.26 24.62 9.63
N LYS B 318 -15.94 23.37 9.97
CA LYS B 318 -14.61 23.10 10.51
C LYS B 318 -13.55 23.30 9.45
N PHE B 319 -13.87 22.97 8.19
CA PHE B 319 -12.90 23.13 7.11
C PHE B 319 -12.47 24.59 6.96
N LYS B 320 -13.43 25.52 6.99
CA LYS B 320 -13.10 26.95 6.89
C LYS B 320 -12.29 27.42 8.10
N GLU B 321 -12.68 27.00 9.30
CA GLU B 321 -11.94 27.43 10.49
C GLU B 321 -10.53 26.87 10.49
N GLY B 322 -10.35 25.64 10.02
CA GLY B 322 -9.02 25.06 9.91
C GLY B 322 -8.13 25.82 8.94
N VAL B 323 -8.74 26.45 7.94
CA VAL B 323 -8.03 27.21 6.92
C VAL B 323 -7.59 28.60 7.42
#